data_6O63
#
_entry.id   6O63
#
_cell.length_a   89.536
_cell.length_b   76.338
_cell.length_c   90.192
_cell.angle_alpha   90.00
_cell.angle_beta   104.68
_cell.angle_gamma   90.00
#
_symmetry.space_group_name_H-M   'P 1 21 1'
#
loop_
_entity.id
_entity.type
_entity.pdbx_description
1 polymer 'Spermidine synthase 1'
2 non-polymer DI(HYDROXYETHYL)ETHER
3 non-polymer GLYCEROL
4 non-polymer 'SULFATE ION'
5 water water
#
_entity_poly.entity_id   1
_entity_poly.type   'polypeptide(L)'
_entity_poly.pdbx_seq_one_letter_code
;SNAMDAKETSATDLKRPREEDDNGGAATMETENGDQKKEPACFSTVIPGWFSEMSPMWPGEAHSLKVEKVLFQGKSDYQD
VIVFQSATYGKVLVLDGVIQLTERDECAYQEMITHLPLCSIPNPKKVLVIGGGDGGVLREVARHASIEQIDMCEIDKMVV
DVSKQFFPDVAIGYEDPRVNLVIGDGVAFLKNAAEGSYDAVIVDSSDPIGPAKELFEKPFFQSVARALRPGGVVCTQAES
LWLHMDIIEDIVSNCREIFKGSVNYAWTSVPTYPSGVIGFMLCSTEGPDVDFKHPLNPIDESSSKSNGPLKFYNAEIHSA
AFCLPSFAKKVIESKAN
;
_entity_poly.pdbx_strand_id   A,B,C,D
#
loop_
_chem_comp.id
_chem_comp.type
_chem_comp.name
_chem_comp.formula
GOL non-polymer GLYCEROL 'C3 H8 O3'
PEG non-polymer DI(HYDROXYETHYL)ETHER 'C4 H10 O3'
SO4 non-polymer 'SULFATE ION' 'O4 S -2'
#
# COMPACT_ATOMS: atom_id res chain seq x y z
N PRO A 40 -46.97 9.37 13.51
CA PRO A 40 -45.58 9.91 13.48
C PRO A 40 -45.38 11.17 14.33
N ALA A 41 -46.13 11.33 15.43
CA ALA A 41 -46.40 12.65 16.05
C ALA A 41 -45.98 12.70 17.52
N CYS A 42 -46.11 11.62 18.31
CA CYS A 42 -46.03 11.68 19.80
C CYS A 42 -45.39 10.44 20.48
N PHE A 43 -45.06 9.37 19.75
CA PHE A 43 -44.20 8.23 20.23
C PHE A 43 -44.93 7.37 21.30
N SER A 44 -46.26 7.28 21.19
CA SER A 44 -47.16 6.51 22.12
C SER A 44 -47.39 5.07 21.61
N THR A 45 -47.41 4.85 20.28
CA THR A 45 -47.75 3.55 19.68
C THR A 45 -46.44 2.77 19.47
N VAL A 46 -46.26 1.69 20.22
CA VAL A 46 -45.05 0.85 20.07
C VAL A 46 -45.34 -0.17 18.98
N ILE A 47 -44.55 -0.21 17.91
CA ILE A 47 -44.70 -1.24 16.84
C ILE A 47 -44.16 -2.55 17.40
N PRO A 48 -44.94 -3.66 17.32
CA PRO A 48 -44.53 -4.92 17.91
C PRO A 48 -43.39 -5.54 17.11
N GLY A 49 -42.53 -6.31 17.80
CA GLY A 49 -41.63 -7.27 17.18
C GLY A 49 -40.20 -6.83 17.20
N TRP A 50 -39.85 -5.78 17.96
CA TRP A 50 -38.47 -5.23 17.95
C TRP A 50 -37.72 -5.48 19.25
N PHE A 51 -36.43 -5.80 19.09
CA PHE A 51 -35.38 -5.82 20.14
C PHE A 51 -34.68 -4.45 20.14
N SER A 52 -34.66 -3.77 21.27
CA SER A 52 -33.98 -2.45 21.43
C SER A 52 -32.80 -2.57 22.41
N GLU A 53 -31.64 -2.12 21.93
CA GLU A 53 -30.39 -2.20 22.69
C GLU A 53 -30.17 -0.92 23.49
N MET A 54 -30.61 -0.91 24.75
CA MET A 54 -30.61 0.31 25.59
C MET A 54 -29.56 0.11 26.69
N SER A 55 -28.80 1.14 27.03
CA SER A 55 -27.75 0.99 28.06
C SER A 55 -27.34 2.35 28.55
N PRO A 56 -26.97 2.46 29.84
CA PRO A 56 -26.37 3.69 30.32
C PRO A 56 -24.99 3.96 29.72
N MET A 57 -24.37 2.96 29.06
CA MET A 57 -23.12 3.19 28.29
C MET A 57 -23.40 3.98 27.01
N TRP A 58 -24.67 4.13 26.59
CA TRP A 58 -25.04 4.98 25.44
C TRP A 58 -26.39 5.62 25.77
N PRO A 59 -26.41 6.56 26.75
CA PRO A 59 -27.67 7.09 27.24
C PRO A 59 -28.45 7.83 26.13
N GLY A 60 -29.77 7.74 26.17
CA GLY A 60 -30.65 8.54 25.28
C GLY A 60 -30.72 7.99 23.87
N GLU A 61 -30.15 6.81 23.62
CA GLU A 61 -30.17 6.27 22.26
C GLU A 61 -30.29 4.75 22.31
N ALA A 62 -30.70 4.18 21.19
CA ALA A 62 -30.82 2.72 21.05
C ALA A 62 -30.74 2.32 19.59
N HIS A 63 -30.08 1.22 19.31
CA HIS A 63 -30.19 0.47 18.04
C HIS A 63 -31.23 -0.61 18.22
N SER A 64 -32.20 -0.70 17.30
CA SER A 64 -33.24 -1.73 17.37
C SER A 64 -33.21 -2.56 16.09
N LEU A 65 -33.41 -3.86 16.27
CA LEU A 65 -33.54 -4.84 15.18
C LEU A 65 -34.89 -5.54 15.26
N LYS A 66 -35.58 -5.64 14.13
CA LYS A 66 -36.80 -6.48 14.02
C LYS A 66 -36.43 -7.95 14.27
N VAL A 67 -37.11 -8.64 15.18
CA VAL A 67 -36.84 -10.08 15.50
C VAL A 67 -37.83 -10.95 14.75
N GLU A 68 -37.35 -11.91 13.95
CA GLU A 68 -38.22 -12.93 13.30
CA GLU A 68 -38.13 -12.97 13.26
C GLU A 68 -38.46 -14.07 14.29
N LYS A 69 -37.46 -14.59 15.00
CA LYS A 69 -37.70 -15.68 15.97
C LYS A 69 -36.61 -15.68 17.04
N VAL A 70 -37.00 -16.02 18.25
CA VAL A 70 -36.05 -16.22 19.37
C VAL A 70 -35.52 -17.65 19.23
N LEU A 71 -34.21 -17.85 19.15
CA LEU A 71 -33.67 -19.20 19.04
C LEU A 71 -33.31 -19.78 20.41
N PHE A 72 -32.86 -18.93 21.30
CA PHE A 72 -32.50 -19.34 22.68
C PHE A 72 -32.57 -18.09 23.52
N GLN A 73 -33.16 -18.20 24.70
CA GLN A 73 -33.01 -17.13 25.68
C GLN A 73 -32.91 -17.77 27.06
N GLY A 74 -31.83 -17.47 27.75
CA GLY A 74 -31.62 -17.97 29.12
C GLY A 74 -30.63 -17.12 29.85
N LYS A 75 -30.18 -17.58 31.02
CA LYS A 75 -29.41 -16.73 31.94
C LYS A 75 -28.39 -17.66 32.54
N SER A 76 -27.12 -17.52 32.15
CA SER A 76 -25.98 -18.32 32.69
C SER A 76 -25.61 -17.80 34.08
N ASP A 77 -24.62 -18.44 34.69
CA ASP A 77 -23.97 -18.00 35.95
C ASP A 77 -23.44 -16.56 35.74
N TYR A 78 -23.13 -16.13 34.49
CA TYR A 78 -22.45 -14.85 34.21
C TYR A 78 -23.37 -13.79 33.64
N GLN A 79 -24.32 -14.12 32.74
CA GLN A 79 -25.02 -13.07 31.99
C GLN A 79 -26.27 -13.64 31.31
N ASP A 80 -27.15 -12.76 30.92
CA ASP A 80 -28.37 -13.05 30.15
C ASP A 80 -27.92 -13.31 28.72
N VAL A 81 -28.40 -14.41 28.15
CA VAL A 81 -27.91 -14.90 26.84
C VAL A 81 -29.11 -14.98 25.90
N ILE A 82 -29.04 -14.28 24.75
CA ILE A 82 -30.03 -14.39 23.68
C ILE A 82 -29.32 -14.68 22.38
N VAL A 83 -29.88 -15.64 21.67
CA VAL A 83 -29.68 -15.80 20.19
C VAL A 83 -31.03 -15.58 19.53
N PHE A 84 -31.09 -14.67 18.56
CA PHE A 84 -32.30 -14.59 17.75
C PHE A 84 -31.97 -14.49 16.28
N GLN A 85 -32.99 -14.86 15.51
CA GLN A 85 -33.02 -14.65 14.06
C GLN A 85 -33.62 -13.27 13.84
N SER A 86 -32.83 -12.28 13.38
CA SER A 86 -33.33 -10.92 13.05
C SER A 86 -33.96 -10.97 11.65
N ALA A 87 -34.75 -9.97 11.28
CA ALA A 87 -35.37 -9.91 9.93
C ALA A 87 -34.31 -9.64 8.87
N THR A 88 -33.33 -8.76 9.12
CA THR A 88 -32.42 -8.25 8.07
C THR A 88 -30.93 -8.28 8.42
N TYR A 89 -30.53 -8.71 9.60
CA TYR A 89 -29.10 -8.81 10.00
C TYR A 89 -28.70 -10.25 10.27
N GLY A 90 -29.56 -11.20 9.89
CA GLY A 90 -29.32 -12.62 10.14
C GLY A 90 -29.37 -12.94 11.62
N LYS A 91 -28.59 -13.89 12.08
CA LYS A 91 -28.67 -14.31 13.50
C LYS A 91 -27.82 -13.35 14.35
N VAL A 92 -28.22 -13.19 15.62
CA VAL A 92 -27.69 -12.12 16.51
C VAL A 92 -27.45 -12.79 17.86
N LEU A 93 -26.26 -12.54 18.42
CA LEU A 93 -25.94 -12.91 19.81
C LEU A 93 -26.03 -11.64 20.68
N VAL A 94 -26.77 -11.72 21.76
CA VAL A 94 -26.99 -10.60 22.71
C VAL A 94 -26.64 -11.10 24.13
N LEU A 95 -25.83 -10.34 24.82
CA LEU A 95 -25.41 -10.65 26.19
C LEU A 95 -25.70 -9.44 27.05
N ASP A 96 -26.46 -9.66 28.14
CA ASP A 96 -26.93 -8.62 29.06
C ASP A 96 -27.56 -7.49 28.24
N GLY A 97 -28.32 -7.83 27.19
CA GLY A 97 -29.05 -6.81 26.40
C GLY A 97 -28.18 -6.04 25.45
N VAL A 98 -26.94 -6.49 25.26
CA VAL A 98 -25.96 -5.82 24.36
C VAL A 98 -25.63 -6.73 23.18
N ILE A 99 -25.75 -6.16 21.97
CA ILE A 99 -25.47 -6.90 20.72
C ILE A 99 -23.97 -7.23 20.66
N GLN A 100 -23.63 -8.51 20.60
CA GLN A 100 -22.23 -8.95 20.52
C GLN A 100 -21.84 -9.11 19.07
N LEU A 101 -22.74 -9.63 18.24
CA LEU A 101 -22.41 -9.82 16.79
C LEU A 101 -23.70 -9.99 16.03
N THR A 102 -23.68 -9.66 14.75
CA THR A 102 -24.69 -10.16 13.80
C THR A 102 -24.01 -10.80 12.60
N GLU A 103 -24.69 -11.77 11.97
CA GLU A 103 -24.13 -12.40 10.73
C GLU A 103 -23.82 -11.36 9.69
N ARG A 104 -24.63 -10.32 9.55
CA ARG A 104 -24.57 -9.38 8.41
C ARG A 104 -23.29 -8.52 8.48
N ASP A 105 -22.83 -8.11 9.64
CA ASP A 105 -21.65 -7.21 9.72
C ASP A 105 -20.52 -7.70 10.61
N GLU A 106 -20.55 -8.93 11.15
CA GLU A 106 -19.45 -9.38 12.05
C GLU A 106 -18.14 -9.39 11.23
N CYS A 107 -18.18 -9.55 9.91
CA CYS A 107 -16.92 -9.49 9.08
C CYS A 107 -16.11 -8.23 9.35
N ALA A 108 -16.75 -7.06 9.50
CA ALA A 108 -16.01 -5.79 9.78
C ALA A 108 -15.21 -5.92 11.10
N TYR A 109 -15.84 -6.33 12.17
CA TYR A 109 -15.20 -6.45 13.49
C TYR A 109 -14.16 -7.59 13.53
N GLN A 110 -14.57 -8.77 13.09
CA GLN A 110 -13.74 -10.00 13.20
C GLN A 110 -12.50 -9.88 12.32
N GLU A 111 -12.65 -9.33 11.12
CA GLU A 111 -11.49 -9.23 10.21
C GLU A 111 -10.58 -8.11 10.72
N MET A 112 -11.12 -7.00 11.22
CA MET A 112 -10.22 -5.87 11.65
C MET A 112 -9.50 -6.26 12.94
N ILE A 113 -10.20 -6.81 13.91
CA ILE A 113 -9.60 -7.14 15.24
C ILE A 113 -8.48 -8.17 15.07
N THR A 114 -8.63 -9.06 14.10
CA THR A 114 -7.66 -10.14 13.84
C THR A 114 -6.50 -9.65 12.94
N HIS A 115 -6.79 -9.06 11.77
CA HIS A 115 -5.78 -8.76 10.73
C HIS A 115 -5.06 -7.45 11.05
N LEU A 116 -5.60 -6.53 11.85
CA LEU A 116 -4.82 -5.33 12.19
C LEU A 116 -3.56 -5.79 12.94
N PRO A 117 -3.65 -6.62 14.01
CA PRO A 117 -2.40 -7.11 14.63
C PRO A 117 -1.59 -8.11 13.78
N LEU A 118 -2.24 -9.19 13.32
CA LEU A 118 -1.51 -10.33 12.70
C LEU A 118 -0.82 -9.95 11.39
N CYS A 119 -1.33 -8.94 10.66
CA CYS A 119 -0.75 -8.48 9.37
C CYS A 119 0.35 -7.46 9.63
N SER A 120 0.56 -7.08 10.90
CA SER A 120 1.60 -6.09 11.31
C SER A 120 2.87 -6.77 11.81
N ILE A 121 2.89 -8.11 11.98
CA ILE A 121 4.10 -8.85 12.48
C ILE A 121 4.39 -9.99 11.53
N PRO A 122 5.67 -10.42 11.43
CA PRO A 122 6.04 -11.49 10.51
C PRO A 122 5.80 -12.87 11.16
N ASN A 123 5.25 -13.76 10.34
CA ASN A 123 5.05 -15.19 10.64
C ASN A 123 4.54 -15.39 12.06
N PRO A 124 3.33 -14.86 12.41
CA PRO A 124 2.77 -15.12 13.73
C PRO A 124 2.53 -16.63 13.84
N LYS A 125 2.95 -17.25 14.95
CA LYS A 125 2.81 -18.70 15.20
C LYS A 125 1.88 -19.03 16.37
N LYS A 126 1.91 -18.25 17.44
CA LYS A 126 1.18 -18.61 18.68
C LYS A 126 0.36 -17.39 19.13
N VAL A 127 -0.94 -17.56 19.15
CA VAL A 127 -1.92 -16.45 19.32
C VAL A 127 -2.87 -16.86 20.44
N LEU A 128 -3.19 -15.92 21.33
CA LEU A 128 -4.26 -16.09 22.33
C LEU A 128 -5.45 -15.22 21.92
N VAL A 129 -6.65 -15.79 21.99
CA VAL A 129 -7.88 -15.00 21.90
C VAL A 129 -8.62 -15.04 23.22
N ILE A 130 -8.86 -13.88 23.81
CA ILE A 130 -9.59 -13.75 25.09
C ILE A 130 -11.01 -13.33 24.74
N GLY A 131 -11.98 -14.20 24.99
CA GLY A 131 -13.38 -13.88 24.68
C GLY A 131 -13.84 -14.67 23.48
N GLY A 132 -14.97 -15.33 23.64
CA GLY A 132 -15.47 -16.34 22.68
C GLY A 132 -16.67 -15.75 22.00
N GLY A 133 -17.35 -16.57 21.22
CA GLY A 133 -18.50 -16.12 20.44
C GLY A 133 -18.83 -17.22 19.47
N ASP A 134 -19.02 -16.86 18.22
CA ASP A 134 -19.40 -17.82 17.17
C ASP A 134 -18.19 -18.47 16.55
N GLY A 135 -16.98 -18.09 16.99
CA GLY A 135 -15.71 -18.65 16.49
C GLY A 135 -15.20 -17.89 15.26
N GLY A 136 -15.89 -16.83 14.82
CA GLY A 136 -15.46 -16.18 13.56
C GLY A 136 -14.05 -15.62 13.73
N VAL A 137 -13.70 -15.17 14.93
CA VAL A 137 -12.29 -14.69 15.18
C VAL A 137 -11.31 -15.84 15.00
N LEU A 138 -11.63 -17.03 15.47
CA LEU A 138 -10.79 -18.23 15.21
C LEU A 138 -10.67 -18.46 13.72
N ARG A 139 -11.72 -18.38 12.95
CA ARG A 139 -11.56 -18.57 11.49
C ARG A 139 -10.61 -17.51 10.92
N GLU A 140 -10.72 -16.27 11.40
CA GLU A 140 -9.86 -15.18 10.88
C GLU A 140 -8.41 -15.49 11.23
N VAL A 141 -8.12 -15.88 12.47
CA VAL A 141 -6.72 -16.23 12.83
C VAL A 141 -6.21 -17.36 11.95
N ALA A 142 -7.05 -18.35 11.70
CA ALA A 142 -6.63 -19.52 10.91
C ALA A 142 -6.39 -19.15 9.44
N ARG A 143 -6.73 -17.96 8.96
CA ARG A 143 -6.36 -17.62 7.55
C ARG A 143 -4.85 -17.52 7.40
N HIS A 144 -4.15 -17.16 8.45
CA HIS A 144 -2.68 -16.94 8.48
C HIS A 144 -1.98 -18.29 8.47
N ALA A 145 -1.24 -18.57 7.38
CA ALA A 145 -0.65 -19.92 7.12
C ALA A 145 0.40 -20.20 8.16
N SER A 146 1.02 -19.17 8.72
CA SER A 146 2.13 -19.37 9.69
C SER A 146 1.64 -19.89 11.04
N ILE A 147 0.37 -19.70 11.37
CA ILE A 147 -0.17 -19.97 12.73
C ILE A 147 0.01 -21.46 13.04
N GLU A 148 0.51 -21.75 14.22
CA GLU A 148 0.70 -23.13 14.73
C GLU A 148 -0.25 -23.48 15.88
N GLN A 149 -0.56 -22.50 16.74
CA GLN A 149 -1.37 -22.69 17.99
C GLN A 149 -2.26 -21.47 18.17
N ILE A 150 -3.54 -21.72 18.32
CA ILE A 150 -4.56 -20.70 18.61
C ILE A 150 -5.17 -21.09 19.94
N ASP A 151 -4.82 -20.41 21.02
CA ASP A 151 -5.45 -20.59 22.34
C ASP A 151 -6.62 -19.64 22.49
N MET A 152 -7.70 -20.10 23.09
CA MET A 152 -8.89 -19.23 23.27
C MET A 152 -9.38 -19.50 24.69
N CYS A 153 -9.74 -18.42 25.36
CA CYS A 153 -10.30 -18.48 26.73
CA CYS A 153 -10.27 -18.42 26.75
C CYS A 153 -11.62 -17.72 26.76
N GLU A 154 -12.67 -18.40 27.17
CA GLU A 154 -14.00 -17.78 27.31
C GLU A 154 -14.55 -18.27 28.66
N ILE A 155 -14.96 -17.34 29.49
CA ILE A 155 -15.45 -17.72 30.85
C ILE A 155 -16.79 -18.48 30.75
N ASP A 156 -17.64 -18.16 29.79
CA ASP A 156 -19.08 -18.57 29.83
C ASP A 156 -19.32 -19.68 28.82
N LYS A 157 -19.26 -20.91 29.32
CA LYS A 157 -19.44 -22.07 28.42
C LYS A 157 -20.82 -21.96 27.76
N MET A 158 -21.81 -21.32 28.42
CA MET A 158 -23.19 -21.24 27.84
C MET A 158 -23.12 -20.54 26.48
N VAL A 159 -22.35 -19.48 26.40
CA VAL A 159 -22.24 -18.66 25.19
C VAL A 159 -21.56 -19.51 24.10
N VAL A 160 -20.50 -20.25 24.42
CA VAL A 160 -19.81 -21.13 23.43
C VAL A 160 -20.80 -22.19 22.90
N ASP A 161 -21.54 -22.86 23.80
CA ASP A 161 -22.48 -23.95 23.43
C ASP A 161 -23.56 -23.44 22.47
N VAL A 162 -24.26 -22.37 22.81
CA VAL A 162 -25.38 -21.90 21.95
C VAL A 162 -24.80 -21.29 20.66
N SER A 163 -23.65 -20.65 20.73
CA SER A 163 -22.98 -20.07 19.54
C SER A 163 -22.61 -21.23 18.59
N LYS A 164 -22.07 -22.33 19.11
CA LYS A 164 -21.68 -23.48 18.27
C LYS A 164 -22.89 -24.05 17.56
N GLN A 165 -24.01 -24.09 18.27
CA GLN A 165 -25.21 -24.70 17.72
C GLN A 165 -25.85 -23.77 16.67
N PHE A 166 -25.99 -22.47 16.92
CA PHE A 166 -26.81 -21.56 16.06
C PHE A 166 -25.97 -20.85 14.96
N PHE A 167 -24.66 -20.85 15.05
CA PHE A 167 -23.82 -20.25 14.00
C PHE A 167 -22.90 -21.31 13.44
N PRO A 168 -23.43 -22.50 13.02
CA PRO A 168 -22.59 -23.65 12.68
C PRO A 168 -21.57 -23.39 11.57
N ASP A 169 -21.95 -22.52 10.63
CA ASP A 169 -21.12 -22.26 9.43
C ASP A 169 -19.87 -21.46 9.88
N VAL A 170 -19.95 -20.73 10.99
CA VAL A 170 -18.76 -19.99 11.50
C VAL A 170 -18.11 -20.76 12.66
N ALA A 171 -18.87 -21.54 13.46
CA ALA A 171 -18.31 -22.25 14.65
C ALA A 171 -17.42 -23.40 14.22
N ILE A 172 -17.41 -23.76 12.92
CA ILE A 172 -16.33 -24.63 12.38
C ILE A 172 -14.93 -24.12 12.81
N GLY A 173 -14.77 -22.83 13.04
CA GLY A 173 -13.48 -22.28 13.51
C GLY A 173 -12.96 -22.99 14.77
N TYR A 174 -13.85 -23.43 15.66
CA TYR A 174 -13.48 -24.20 16.88
C TYR A 174 -12.85 -25.56 16.54
N GLU A 175 -13.14 -26.11 15.35
CA GLU A 175 -12.73 -27.47 14.95
C GLU A 175 -11.33 -27.51 14.31
N ASP A 176 -10.72 -26.37 13.96
CA ASP A 176 -9.32 -26.38 13.50
C ASP A 176 -8.44 -27.07 14.55
N PRO A 177 -7.54 -27.98 14.13
CA PRO A 177 -6.72 -28.75 15.07
C PRO A 177 -5.69 -27.95 15.88
N ARG A 178 -5.40 -26.74 15.42
CA ARG A 178 -4.50 -25.78 16.14
C ARG A 178 -5.22 -25.14 17.32
N VAL A 179 -6.56 -25.22 17.38
CA VAL A 179 -7.36 -24.47 18.38
C VAL A 179 -7.38 -25.22 19.72
N ASN A 180 -7.06 -24.53 20.79
CA ASN A 180 -7.12 -25.04 22.18
C ASN A 180 -8.11 -24.17 22.95
N LEU A 181 -9.35 -24.61 23.08
CA LEU A 181 -10.40 -23.84 23.78
C LEU A 181 -10.35 -24.16 25.28
N VAL A 182 -10.22 -23.16 26.13
CA VAL A 182 -10.26 -23.28 27.61
C VAL A 182 -11.49 -22.51 28.09
N ILE A 183 -12.31 -23.14 28.91
CA ILE A 183 -13.42 -22.42 29.59
C ILE A 183 -12.84 -21.90 30.89
N GLY A 184 -12.74 -20.59 31.03
CA GLY A 184 -12.12 -19.98 32.21
C GLY A 184 -11.96 -18.51 32.02
N ASP A 185 -11.46 -17.86 33.05
CA ASP A 185 -11.24 -16.41 33.13
C ASP A 185 -9.96 -16.09 32.37
N GLY A 186 -9.98 -15.07 31.51
CA GLY A 186 -8.79 -14.65 30.76
C GLY A 186 -7.71 -14.05 31.65
N VAL A 187 -8.13 -13.19 32.61
CA VAL A 187 -7.24 -12.59 33.64
C VAL A 187 -6.34 -13.71 34.19
N ALA A 188 -6.97 -14.80 34.63
CA ALA A 188 -6.29 -15.98 35.19
C ALA A 188 -5.38 -16.63 34.15
N PHE A 189 -5.91 -17.05 32.99
CA PHE A 189 -5.31 -18.04 32.05
C PHE A 189 -3.84 -17.68 31.78
N LEU A 190 -3.69 -16.38 31.66
CA LEU A 190 -2.43 -15.67 31.48
C LEU A 190 -1.46 -16.02 32.62
N LYS A 191 -1.93 -16.14 33.86
CA LYS A 191 -1.01 -16.43 34.97
C LYS A 191 -0.41 -17.82 34.71
N ASN A 192 -1.16 -18.78 34.14
CA ASN A 192 -0.57 -20.09 33.74
C ASN A 192 0.39 -19.93 32.56
N ALA A 193 0.44 -18.71 31.97
CA ALA A 193 1.09 -18.46 30.67
C ALA A 193 2.58 -18.18 30.86
N ALA A 194 3.38 -18.92 30.13
CA ALA A 194 4.83 -18.76 29.94
C ALA A 194 5.10 -17.32 29.48
N GLU A 195 5.97 -16.65 30.21
CA GLU A 195 6.56 -15.36 29.77
C GLU A 195 7.04 -15.44 28.31
N GLY A 196 6.64 -14.46 27.49
CA GLY A 196 7.26 -14.23 26.19
C GLY A 196 6.85 -15.31 25.21
N SER A 197 5.76 -16.04 25.45
CA SER A 197 5.40 -17.21 24.62
C SER A 197 4.47 -16.81 23.46
N TYR A 198 3.71 -15.71 23.55
CA TYR A 198 2.74 -15.40 22.47
C TYR A 198 3.32 -14.34 21.52
N ASP A 199 2.96 -14.48 20.24
CA ASP A 199 3.20 -13.48 19.19
C ASP A 199 2.14 -12.39 19.33
N ALA A 200 0.88 -12.75 19.65
CA ALA A 200 -0.27 -11.84 19.63
C ALA A 200 -1.34 -12.36 20.60
N VAL A 201 -1.97 -11.39 21.25
CA VAL A 201 -3.17 -11.56 22.08
C VAL A 201 -4.23 -10.65 21.50
N ILE A 202 -5.40 -11.24 21.26
CA ILE A 202 -6.59 -10.53 20.74
C ILE A 202 -7.60 -10.58 21.88
N VAL A 203 -8.05 -9.40 22.32
CA VAL A 203 -9.05 -9.30 23.43
C VAL A 203 -10.42 -8.96 22.81
N ASP A 204 -11.17 -9.99 22.44
CA ASP A 204 -12.53 -9.85 21.87
C ASP A 204 -13.57 -9.86 23.00
N SER A 205 -13.66 -8.76 23.73
CA SER A 205 -14.44 -8.70 24.97
C SER A 205 -15.78 -8.04 24.73
N SER A 206 -16.74 -8.40 25.58
CA SER A 206 -17.91 -7.55 25.89
C SER A 206 -17.52 -6.22 26.57
N ASP A 207 -18.52 -5.39 26.90
CA ASP A 207 -18.34 -4.01 27.39
C ASP A 207 -17.83 -4.02 28.83
N PRO A 208 -17.38 -2.89 29.41
CA PRO A 208 -16.88 -2.91 30.79
C PRO A 208 -17.87 -3.19 31.93
N ILE A 209 -19.17 -3.19 31.64
CA ILE A 209 -20.26 -3.58 32.59
C ILE A 209 -20.55 -5.06 32.31
N GLY A 210 -20.06 -5.91 33.15
CA GLY A 210 -20.31 -7.34 32.99
C GLY A 210 -19.02 -8.09 33.27
N PRO A 211 -18.97 -9.36 32.82
CA PRO A 211 -17.81 -10.22 33.02
C PRO A 211 -16.48 -9.68 32.47
N ALA A 212 -16.49 -8.77 31.49
CA ALA A 212 -15.22 -8.21 30.89
C ALA A 212 -14.64 -7.03 31.70
N LYS A 213 -15.28 -6.60 32.79
CA LYS A 213 -14.93 -5.34 33.48
C LYS A 213 -13.41 -5.16 33.60
N GLU A 214 -12.72 -6.15 34.16
CA GLU A 214 -11.29 -5.99 34.55
C GLU A 214 -10.37 -6.11 33.33
N LEU A 215 -10.91 -6.45 32.16
CA LEU A 215 -10.09 -6.58 30.91
C LEU A 215 -9.71 -5.20 30.38
N PHE A 216 -10.19 -4.13 31.00
CA PHE A 216 -9.96 -2.75 30.53
C PHE A 216 -9.03 -2.04 31.49
N GLU A 217 -8.55 -2.77 32.48
CA GLU A 217 -7.76 -2.18 33.59
C GLU A 217 -6.29 -2.61 33.49
N LYS A 218 -5.44 -1.90 34.23
CA LYS A 218 -3.96 -2.01 34.13
C LYS A 218 -3.41 -3.40 34.45
N PRO A 219 -3.79 -4.08 35.56
CA PRO A 219 -3.17 -5.39 35.86
C PRO A 219 -3.33 -6.36 34.69
N PHE A 220 -4.52 -6.41 34.09
CA PHE A 220 -4.76 -7.29 32.93
C PHE A 220 -3.75 -6.95 31.84
N PHE A 221 -3.60 -5.67 31.51
CA PHE A 221 -2.68 -5.25 30.41
C PHE A 221 -1.26 -5.63 30.79
N GLN A 222 -0.88 -5.47 32.07
CA GLN A 222 0.48 -5.85 32.56
C GLN A 222 0.68 -7.34 32.29
N SER A 223 -0.33 -8.15 32.60
CA SER A 223 -0.38 -9.62 32.40
C SER A 223 -0.23 -10.01 30.92
N VAL A 224 -0.92 -9.33 30.02
CA VAL A 224 -0.73 -9.52 28.54
C VAL A 224 0.72 -9.24 28.13
N ALA A 225 1.28 -8.12 28.56
CA ALA A 225 2.65 -7.66 28.23
C ALA A 225 3.63 -8.77 28.62
N ARG A 226 3.45 -9.38 29.80
CA ARG A 226 4.40 -10.43 30.26
C ARG A 226 4.34 -11.64 29.33
N ALA A 227 3.15 -11.97 28.83
CA ALA A 227 2.89 -13.18 28.00
C ALA A 227 3.41 -13.00 26.57
N LEU A 228 3.54 -11.78 26.12
CA LEU A 228 4.02 -11.48 24.74
C LEU A 228 5.56 -11.57 24.67
N ARG A 229 6.04 -12.13 23.60
CA ARG A 229 7.46 -12.02 23.25
C ARG A 229 7.81 -10.55 23.11
N PRO A 230 9.10 -10.17 23.21
CA PRO A 230 9.56 -8.88 22.69
C PRO A 230 9.08 -8.60 21.25
N GLY A 231 8.42 -7.46 21.11
CA GLY A 231 7.83 -7.03 19.84
C GLY A 231 6.49 -7.68 19.57
N GLY A 232 6.01 -8.49 20.51
CA GLY A 232 4.67 -9.12 20.40
C GLY A 232 3.59 -8.04 20.48
N VAL A 233 2.39 -8.36 20.01
CA VAL A 233 1.31 -7.34 19.87
C VAL A 233 0.06 -7.76 20.61
N VAL A 234 -0.67 -6.77 21.05
CA VAL A 234 -2.06 -6.92 21.59
C VAL A 234 -3.00 -6.06 20.76
N CYS A 235 -4.21 -6.56 20.55
CA CYS A 235 -5.31 -5.84 19.91
C CYS A 235 -6.52 -6.04 20.81
N THR A 236 -7.09 -4.95 21.34
CA THR A 236 -8.25 -5.05 22.25
C THR A 236 -9.44 -4.34 21.66
N GLN A 237 -10.61 -4.80 22.02
CA GLN A 237 -11.90 -4.08 21.74
C GLN A 237 -11.89 -2.82 22.62
N ALA A 238 -11.90 -1.62 22.02
CA ALA A 238 -11.68 -0.34 22.72
C ALA A 238 -12.77 0.69 22.41
N GLU A 239 -14.02 0.26 22.19
CA GLU A 239 -15.25 1.08 22.37
C GLU A 239 -15.33 2.21 21.31
N SER A 240 -16.26 3.14 21.51
CA SER A 240 -16.60 4.17 20.49
C SER A 240 -15.96 5.50 20.86
N LEU A 241 -15.24 6.07 19.90
CA LEU A 241 -14.75 7.48 20.02
C LEU A 241 -15.89 8.46 20.09
N TRP A 242 -17.09 8.13 19.61
CA TRP A 242 -18.24 9.04 19.71
C TRP A 242 -18.84 9.01 21.11
N LEU A 243 -18.70 7.90 21.82
CA LEU A 243 -19.49 7.68 23.07
C LEU A 243 -18.62 7.59 24.31
N HIS A 244 -17.34 7.21 24.19
CA HIS A 244 -16.50 6.71 25.31
C HIS A 244 -15.12 7.35 25.36
N MET A 245 -15.00 8.63 25.03
CA MET A 245 -13.68 9.29 24.94
C MET A 245 -12.98 9.19 26.31
N ASP A 246 -13.70 9.35 27.42
CA ASP A 246 -13.04 9.36 28.75
C ASP A 246 -12.49 7.97 29.04
N ILE A 247 -13.29 6.95 28.80
CA ILE A 247 -12.88 5.55 28.98
C ILE A 247 -11.66 5.27 28.10
N ILE A 248 -11.72 5.74 26.85
CA ILE A 248 -10.65 5.43 25.85
C ILE A 248 -9.37 6.17 26.27
N GLU A 249 -9.50 7.41 26.70
CA GLU A 249 -8.34 8.18 27.24
C GLU A 249 -7.64 7.34 28.33
N ASP A 250 -8.37 6.81 29.28
CA ASP A 250 -7.79 6.01 30.39
C ASP A 250 -7.17 4.72 29.83
N ILE A 251 -7.82 4.02 28.86
CA ILE A 251 -7.18 2.81 28.26
C ILE A 251 -5.83 3.17 27.66
N VAL A 252 -5.79 4.23 26.85
CA VAL A 252 -4.58 4.62 26.09
C VAL A 252 -3.43 5.01 27.05
N SER A 253 -3.76 5.77 28.09
CA SER A 253 -2.83 6.21 29.16
C SER A 253 -2.19 4.97 29.76
N ASN A 254 -3.00 4.02 30.23
CA ASN A 254 -2.59 2.73 30.83
C ASN A 254 -1.66 1.99 29.84
N CYS A 255 -2.03 1.98 28.55
CA CYS A 255 -1.22 1.25 27.54
C CYS A 255 0.15 1.94 27.34
N ARG A 256 0.22 3.29 27.29
CA ARG A 256 1.47 4.04 26.97
C ARG A 256 2.50 3.76 28.07
N GLU A 257 2.01 3.51 29.30
CA GLU A 257 2.78 3.24 30.54
C GLU A 257 3.31 1.80 30.53
N ILE A 258 2.52 0.84 30.05
CA ILE A 258 2.92 -0.58 30.07
C ILE A 258 3.72 -0.93 28.82
N PHE A 259 3.20 -0.58 27.63
CA PHE A 259 3.76 -1.02 26.33
C PHE A 259 4.71 0.07 25.82
N LYS A 260 5.98 -0.32 25.75
CA LYS A 260 7.11 0.57 25.41
C LYS A 260 7.44 0.44 23.94
N GLY A 261 6.73 -0.41 23.21
CA GLY A 261 6.81 -0.39 21.75
C GLY A 261 5.77 0.58 21.21
N SER A 262 5.00 0.15 20.20
CA SER A 262 3.99 1.03 19.55
C SER A 262 2.73 1.05 20.39
N VAL A 263 2.08 2.18 20.45
CA VAL A 263 0.71 2.27 21.05
C VAL A 263 -0.14 3.10 20.08
N ASN A 264 -1.15 2.47 19.49
CA ASN A 264 -1.91 3.09 18.40
C ASN A 264 -3.39 2.77 18.66
N TYR A 265 -4.28 3.60 18.17
CA TYR A 265 -5.72 3.35 18.26
C TYR A 265 -6.28 3.36 16.83
N ALA A 266 -7.00 2.30 16.47
CA ALA A 266 -7.69 2.18 15.17
C ALA A 266 -9.21 2.16 15.39
N TRP A 267 -9.98 2.41 14.34
CA TRP A 267 -11.45 2.27 14.42
C TRP A 267 -11.98 1.74 13.09
N THR A 268 -13.19 1.18 13.14
CA THR A 268 -13.87 0.70 11.94
C THR A 268 -15.38 0.85 12.09
N SER A 269 -16.03 0.67 10.97
CA SER A 269 -17.50 0.64 10.83
C SER A 269 -18.07 -0.71 11.25
N VAL A 270 -18.95 -0.71 12.25
CA VAL A 270 -19.83 -1.88 12.55
C VAL A 270 -21.21 -1.36 12.87
N PRO A 271 -22.10 -1.41 11.87
CA PRO A 271 -23.43 -0.85 12.01
C PRO A 271 -24.14 -1.22 13.31
N THR A 272 -23.99 -2.44 13.79
CA THR A 272 -24.76 -2.92 14.96
C THR A 272 -23.97 -2.84 16.25
N TYR A 273 -22.93 -2.05 16.29
CA TYR A 273 -22.40 -1.61 17.60
C TYR A 273 -22.78 -0.14 17.79
N PRO A 274 -22.92 0.30 19.04
CA PRO A 274 -23.42 1.62 19.37
C PRO A 274 -22.60 2.73 18.72
N SER A 275 -23.30 3.65 18.05
CA SER A 275 -22.77 4.75 17.22
C SER A 275 -22.25 4.27 15.88
N GLY A 276 -22.26 2.96 15.60
CA GLY A 276 -21.90 2.42 14.28
C GLY A 276 -20.42 2.29 14.09
N VAL A 277 -19.62 2.56 15.15
CA VAL A 277 -18.15 2.32 15.08
C VAL A 277 -17.68 1.58 16.29
N ILE A 278 -16.54 0.91 16.16
CA ILE A 278 -15.81 0.43 17.36
C ILE A 278 -14.34 0.62 17.08
N GLY A 279 -13.59 0.73 18.15
CA GLY A 279 -12.14 0.94 18.09
C GLY A 279 -11.34 -0.20 18.66
N PHE A 280 -10.03 -0.09 18.47
CA PHE A 280 -9.07 -1.13 18.88
C PHE A 280 -7.82 -0.44 19.40
N MET A 281 -7.33 -0.92 20.54
CA MET A 281 -5.97 -0.57 20.97
C MET A 281 -5.04 -1.53 20.25
N LEU A 282 -4.00 -1.03 19.60
CA LEU A 282 -2.90 -1.85 19.08
C LEU A 282 -1.65 -1.42 19.86
N CYS A 283 -1.00 -2.38 20.53
CA CYS A 283 0.23 -2.08 21.27
C CYS A 283 1.24 -3.17 20.97
N SER A 284 2.53 -2.81 21.04
CA SER A 284 3.63 -3.81 20.97
C SER A 284 4.51 -3.62 22.20
N THR A 285 5.13 -4.69 22.65
CA THR A 285 6.12 -4.62 23.75
C THR A 285 7.47 -4.19 23.17
N GLU A 286 8.32 -3.69 24.05
CA GLU A 286 9.74 -3.37 23.78
C GLU A 286 10.36 -4.56 23.04
N GLY A 287 11.05 -4.31 21.94
CA GLY A 287 11.66 -5.36 21.12
C GLY A 287 11.69 -4.93 19.65
N PRO A 288 11.71 -5.85 18.64
CA PRO A 288 11.68 -5.40 17.26
C PRO A 288 10.51 -4.40 17.05
N ASP A 289 10.72 -3.41 16.19
CA ASP A 289 9.74 -2.29 16.00
C ASP A 289 8.53 -2.82 15.24
N VAL A 290 7.33 -2.34 15.57
CA VAL A 290 6.11 -2.76 14.83
C VAL A 290 5.46 -1.48 14.29
N ASP A 291 5.17 -1.47 12.99
CA ASP A 291 4.47 -0.32 12.39
C ASP A 291 3.04 -0.80 12.12
N PHE A 292 2.13 -0.49 13.01
CA PHE A 292 0.74 -0.95 12.86
C PHE A 292 0.09 -0.27 11.66
N LYS A 293 0.59 0.89 11.26
CA LYS A 293 -0.14 1.71 10.29
C LYS A 293 0.12 1.20 8.87
N HIS A 294 1.24 0.54 8.62
CA HIS A 294 1.63 0.01 7.29
C HIS A 294 1.84 -1.51 7.40
N PRO A 295 0.87 -2.35 7.01
CA PRO A 295 1.00 -3.79 7.24
C PRO A 295 2.10 -4.53 6.47
N LEU A 296 2.96 -5.29 7.16
CA LEU A 296 3.96 -6.22 6.56
C LEU A 296 3.31 -7.17 5.55
N ASN A 297 2.17 -7.76 5.92
CA ASN A 297 1.65 -8.90 5.14
C ASN A 297 0.14 -8.94 5.20
N PRO A 298 -0.53 -8.20 4.26
CA PRO A 298 -1.98 -8.08 4.22
C PRO A 298 -2.69 -9.35 3.73
N ILE A 299 -3.52 -9.88 4.61
CA ILE A 299 -4.07 -11.25 4.40
C ILE A 299 -4.87 -11.33 3.06
N ASP A 300 -5.59 -10.26 2.70
CA ASP A 300 -6.43 -10.28 1.47
C ASP A 300 -5.59 -10.42 0.21
N GLU A 301 -4.31 -10.07 0.29
CA GLU A 301 -3.39 -10.11 -0.87
C GLU A 301 -3.27 -11.55 -1.38
N SER A 302 -3.20 -12.51 -0.47
CA SER A 302 -3.16 -13.93 -0.88
C SER A 302 -3.98 -14.77 0.12
N SER A 306 -10.06 -23.60 5.17
CA SER A 306 -10.28 -22.84 3.92
C SER A 306 -11.43 -21.84 4.15
N ASN A 307 -11.30 -20.62 3.61
CA ASN A 307 -12.33 -19.57 3.82
C ASN A 307 -12.49 -18.80 2.51
N GLY A 308 -13.61 -18.08 2.36
CA GLY A 308 -13.85 -17.19 1.20
C GLY A 308 -12.89 -16.02 1.22
N PRO A 309 -12.89 -15.18 0.17
CA PRO A 309 -12.17 -13.91 0.18
C PRO A 309 -12.55 -13.11 1.43
N LEU A 310 -11.64 -12.26 1.85
CA LEU A 310 -11.98 -11.31 2.95
CA LEU A 310 -11.94 -11.29 2.93
C LEU A 310 -13.13 -10.44 2.48
N LYS A 311 -14.07 -10.17 3.36
CA LYS A 311 -15.24 -9.33 2.99
C LYS A 311 -14.95 -7.87 3.27
N PHE A 312 -14.03 -7.53 4.16
CA PHE A 312 -13.94 -6.13 4.65
C PHE A 312 -12.50 -5.64 4.60
N TYR A 313 -11.65 -6.37 5.27
CA TYR A 313 -10.23 -6.02 5.40
C TYR A 313 -9.60 -5.95 4.01
N ASN A 314 -8.71 -4.95 3.86
CA ASN A 314 -7.69 -4.90 2.80
C ASN A 314 -6.55 -3.98 3.28
N ALA A 315 -5.42 -3.93 2.54
CA ALA A 315 -4.22 -3.24 3.03
C ALA A 315 -4.51 -1.75 3.23
N GLU A 316 -5.30 -1.16 2.36
CA GLU A 316 -5.59 0.29 2.37
C GLU A 316 -6.51 0.64 3.55
N ILE A 317 -7.53 -0.16 3.81
CA ILE A 317 -8.40 0.15 4.97
C ILE A 317 -7.66 -0.19 6.28
N HIS A 318 -6.67 -1.06 6.28
CA HIS A 318 -5.76 -1.27 7.45
C HIS A 318 -5.12 0.06 7.83
N SER A 319 -4.51 0.75 6.91
CA SER A 319 -3.89 2.08 7.18
C SER A 319 -4.94 3.11 7.52
N ALA A 320 -6.03 3.15 6.76
CA ALA A 320 -7.12 4.09 7.01
C ALA A 320 -7.72 4.03 8.42
N ALA A 321 -7.76 2.85 9.03
CA ALA A 321 -8.30 2.64 10.38
C ALA A 321 -7.59 3.45 11.47
N PHE A 322 -6.40 3.97 11.19
CA PHE A 322 -5.57 4.73 12.16
C PHE A 322 -5.80 6.23 11.95
N CYS A 323 -6.61 6.62 10.98
CA CYS A 323 -6.82 8.07 10.62
C CYS A 323 -8.04 8.59 11.36
N LEU A 324 -7.88 9.05 12.58
CA LEU A 324 -9.04 9.38 13.44
C LEU A 324 -9.52 10.79 13.15
N PRO A 325 -10.80 11.06 13.49
CA PRO A 325 -11.32 12.41 13.41
C PRO A 325 -10.53 13.37 14.31
N SER A 326 -10.53 14.62 13.93
CA SER A 326 -9.74 15.65 14.63
C SER A 326 -10.07 15.67 16.13
N PHE A 327 -11.35 15.58 16.53
CA PHE A 327 -11.73 15.66 17.97
C PHE A 327 -11.02 14.56 18.77
N ALA A 328 -10.77 13.41 18.15
CA ALA A 328 -10.18 12.22 18.77
C ALA A 328 -8.64 12.23 18.67
N LYS A 329 -8.14 12.47 17.46
CA LYS A 329 -6.69 12.46 17.11
C LYS A 329 -5.98 13.35 18.15
N LYS A 330 -6.60 14.45 18.54
CA LYS A 330 -5.94 15.42 19.44
C LYS A 330 -5.92 14.87 20.85
N VAL A 331 -6.89 14.05 21.23
CA VAL A 331 -6.93 13.46 22.59
C VAL A 331 -5.96 12.27 22.60
N ILE A 332 -6.10 11.36 21.66
CA ILE A 332 -5.46 10.02 21.73
C ILE A 332 -3.96 10.14 21.51
N GLU A 333 -3.53 11.10 20.69
CA GLU A 333 -2.10 11.16 20.32
C GLU A 333 -1.27 11.89 21.39
N PHE B 43 -48.61 7.28 15.94
CA PHE B 43 -47.45 7.96 16.59
C PHE B 43 -46.40 6.89 16.92
N SER B 44 -45.93 6.23 15.85
CA SER B 44 -45.17 4.96 15.87
C SER B 44 -43.71 5.19 16.30
N THR B 45 -43.25 4.37 17.24
CA THR B 45 -41.83 4.25 17.71
C THR B 45 -41.63 2.78 18.10
N VAL B 46 -40.42 2.34 18.47
CA VAL B 46 -40.26 0.98 19.04
C VAL B 46 -39.98 1.05 20.53
N ILE B 47 -39.85 2.25 21.10
CA ILE B 47 -39.60 2.44 22.56
C ILE B 47 -40.55 3.54 23.01
N PRO B 48 -41.42 3.29 24.00
CA PRO B 48 -42.43 4.27 24.35
C PRO B 48 -41.75 5.59 24.68
N GLY B 49 -42.23 6.63 24.03
CA GLY B 49 -41.80 8.02 24.31
C GLY B 49 -40.59 8.45 23.50
N TRP B 50 -39.94 7.53 22.79
CA TRP B 50 -38.75 7.80 21.98
C TRP B 50 -39.10 8.01 20.50
N PHE B 51 -38.23 8.72 19.79
CA PHE B 51 -38.30 8.83 18.32
C PHE B 51 -37.53 7.65 17.75
N SER B 52 -38.11 6.89 16.83
CA SER B 52 -37.42 5.78 16.13
C SER B 52 -37.42 6.10 14.64
N GLU B 53 -36.25 6.07 13.99
CA GLU B 53 -36.19 6.34 12.54
C GLU B 53 -36.46 5.06 11.76
N MET B 54 -37.63 4.96 11.16
CA MET B 54 -38.07 3.74 10.46
C MET B 54 -38.30 4.09 9.00
N SER B 55 -37.81 3.25 8.10
CA SER B 55 -37.98 3.46 6.65
C SER B 55 -37.84 2.13 5.93
N PRO B 56 -38.62 1.93 4.85
CA PRO B 56 -38.38 0.81 3.96
C PRO B 56 -37.00 0.89 3.27
N MET B 57 -36.32 2.04 3.35
CA MET B 57 -34.97 2.21 2.78
C MET B 57 -33.93 1.54 3.71
N TRP B 58 -34.33 1.14 4.91
CA TRP B 58 -33.46 0.36 5.83
C TRP B 58 -34.32 -0.57 6.65
N PRO B 59 -34.81 -1.63 5.99
CA PRO B 59 -35.82 -2.47 6.58
C PRO B 59 -35.21 -3.17 7.81
N GLY B 60 -36.01 -3.32 8.86
CA GLY B 60 -35.65 -4.25 9.94
C GLY B 60 -34.65 -3.65 10.92
N GLU B 61 -34.31 -2.38 10.76
CA GLU B 61 -33.48 -1.67 11.77
C GLU B 61 -34.06 -0.27 12.02
N ALA B 62 -33.73 0.32 13.16
CA ALA B 62 -34.13 1.66 13.60
C ALA B 62 -33.15 2.15 14.67
N HIS B 63 -32.62 3.37 14.48
CA HIS B 63 -31.90 4.12 15.52
C HIS B 63 -32.99 4.91 16.25
N SER B 64 -33.04 4.82 17.56
CA SER B 64 -34.01 5.57 18.39
C SER B 64 -33.26 6.57 19.25
N LEU B 65 -33.88 7.74 19.46
CA LEU B 65 -33.34 8.82 20.30
C LEU B 65 -34.41 9.14 21.32
N LYS B 66 -33.98 9.27 22.57
CA LYS B 66 -34.91 9.77 23.61
C LYS B 66 -35.22 11.25 23.36
N VAL B 67 -36.50 11.64 23.49
CA VAL B 67 -37.01 12.99 23.15
C VAL B 67 -37.22 13.77 24.47
N GLU B 68 -36.50 14.86 24.65
CA GLU B 68 -36.79 15.80 25.76
C GLU B 68 -38.07 16.62 25.47
N LYS B 69 -38.20 17.18 24.26
CA LYS B 69 -39.38 18.00 23.90
C LYS B 69 -39.48 18.12 22.38
N VAL B 70 -40.68 18.00 21.83
CA VAL B 70 -40.88 18.34 20.39
C VAL B 70 -40.89 19.86 20.23
N LEU B 71 -40.05 20.40 19.33
CA LEU B 71 -39.89 21.86 19.20
C LEU B 71 -40.76 22.40 18.05
N PHE B 72 -40.97 21.62 17.01
CA PHE B 72 -41.73 22.09 15.84
C PHE B 72 -42.29 20.86 15.15
N GLN B 73 -43.53 20.93 14.66
CA GLN B 73 -44.06 19.88 13.77
C GLN B 73 -44.89 20.55 12.67
N GLY B 74 -44.69 20.21 11.41
CA GLY B 74 -45.28 20.95 10.28
C GLY B 74 -45.32 20.11 9.03
N LYS B 75 -46.20 20.49 8.13
CA LYS B 75 -46.33 19.84 6.82
C LYS B 75 -46.20 20.94 5.77
N SER B 76 -45.06 20.97 5.09
CA SER B 76 -44.74 21.90 3.99
C SER B 76 -45.56 21.47 2.79
N ASP B 77 -45.36 22.17 1.69
CA ASP B 77 -45.84 21.72 0.36
C ASP B 77 -45.11 20.47 -0.10
N TYR B 78 -44.00 20.07 0.54
CA TYR B 78 -43.14 18.99 -0.01
C TYR B 78 -43.01 17.79 0.92
N GLN B 79 -43.09 17.97 2.24
CA GLN B 79 -42.68 16.92 3.20
C GLN B 79 -43.14 17.30 4.61
N ASP B 80 -43.22 16.30 5.50
CA ASP B 80 -43.51 16.49 6.94
C ASP B 80 -42.18 16.86 7.60
N VAL B 81 -42.23 17.84 8.46
CA VAL B 81 -41.04 18.43 9.11
C VAL B 81 -41.22 18.37 10.61
N ILE B 82 -40.26 17.78 11.33
CA ILE B 82 -40.21 17.76 12.81
C ILE B 82 -38.84 18.26 13.26
N VAL B 83 -38.86 19.09 14.30
CA VAL B 83 -37.67 19.42 15.12
C VAL B 83 -37.96 19.04 16.57
N PHE B 84 -36.99 18.39 17.19
CA PHE B 84 -37.12 17.97 18.61
C PHE B 84 -35.77 18.15 19.28
N GLN B 85 -35.84 18.47 20.57
CA GLN B 85 -34.72 18.41 21.52
C GLN B 85 -34.59 16.95 21.96
N SER B 86 -33.51 16.29 21.55
CA SER B 86 -33.17 14.91 21.97
C SER B 86 -32.52 15.03 23.35
N ALA B 87 -32.49 13.95 24.10
CA ALA B 87 -31.85 13.93 25.42
C ALA B 87 -30.34 14.09 25.25
N THR B 88 -29.72 13.48 24.24
CA THR B 88 -28.24 13.28 24.27
C THR B 88 -27.58 13.67 22.93
N TYR B 89 -28.35 14.09 21.90
CA TYR B 89 -27.76 14.41 20.57
C TYR B 89 -28.05 15.87 20.21
N GLY B 90 -28.52 16.69 21.15
CA GLY B 90 -28.98 18.08 20.93
C GLY B 90 -30.26 18.11 20.09
N LYS B 91 -30.41 19.13 19.26
CA LYS B 91 -31.58 19.32 18.40
C LYS B 91 -31.41 18.45 17.15
N VAL B 92 -32.54 17.95 16.65
CA VAL B 92 -32.63 16.96 15.55
C VAL B 92 -33.67 17.51 14.58
N LEU B 93 -33.31 17.52 13.29
CA LEU B 93 -34.23 17.89 12.21
C LEU B 93 -34.62 16.58 11.56
N VAL B 94 -35.92 16.36 11.35
CA VAL B 94 -36.44 15.12 10.77
C VAL B 94 -37.31 15.53 9.59
N LEU B 95 -37.13 14.90 8.44
CA LEU B 95 -37.98 15.16 7.27
C LEU B 95 -38.55 13.83 6.81
N ASP B 96 -39.87 13.75 6.74
CA ASP B 96 -40.59 12.51 6.40
C ASP B 96 -40.04 11.36 7.25
N GLY B 97 -39.82 11.59 8.53
CA GLY B 97 -39.49 10.52 9.48
C GLY B 97 -38.00 10.12 9.42
N VAL B 98 -37.22 10.84 8.64
CA VAL B 98 -35.77 10.54 8.43
C VAL B 98 -34.95 11.63 9.08
N ILE B 99 -33.97 11.21 9.87
CA ILE B 99 -33.05 12.16 10.53
C ILE B 99 -32.15 12.84 9.48
N GLN B 100 -32.22 14.18 9.44
CA GLN B 100 -31.38 14.94 8.49
C GLN B 100 -30.09 15.39 9.15
N LEU B 101 -30.11 15.71 10.43
CA LEU B 101 -28.92 16.12 11.20
C LEU B 101 -29.23 16.08 12.69
N THR B 102 -28.18 16.03 13.51
CA THR B 102 -28.24 16.30 14.95
C THR B 102 -27.06 17.20 15.29
N GLU B 103 -27.25 18.07 16.28
CA GLU B 103 -26.16 18.98 16.71
C GLU B 103 -24.93 18.15 17.09
N ARG B 104 -25.07 16.92 17.63
CA ARG B 104 -23.89 16.24 18.20
C ARG B 104 -22.93 15.72 17.10
N ASP B 105 -23.42 15.28 15.95
CA ASP B 105 -22.53 14.62 14.93
C ASP B 105 -22.62 15.27 13.55
N GLU B 106 -23.34 16.36 13.35
CA GLU B 106 -23.47 16.97 12.00
C GLU B 106 -22.09 17.36 11.47
N CYS B 107 -21.14 17.67 12.36
CA CYS B 107 -19.77 18.03 11.98
C CYS B 107 -19.17 16.96 11.05
N ALA B 108 -19.41 15.68 11.29
CA ALA B 108 -18.80 14.61 10.47
C ALA B 108 -19.32 14.76 9.03
N TYR B 109 -20.62 14.97 8.84
CA TYR B 109 -21.20 15.01 7.50
C TYR B 109 -20.85 16.36 6.84
N GLN B 110 -21.04 17.46 7.55
CA GLN B 110 -20.91 18.82 6.96
C GLN B 110 -19.42 19.08 6.62
N GLU B 111 -18.49 18.71 7.48
CA GLU B 111 -17.06 18.89 7.15
C GLU B 111 -16.66 17.95 5.98
N MET B 112 -17.06 16.69 5.94
CA MET B 112 -16.55 15.79 4.83
C MET B 112 -17.20 16.17 3.49
N ILE B 113 -18.52 16.46 3.43
CA ILE B 113 -19.20 16.75 2.14
C ILE B 113 -18.63 18.03 1.49
N THR B 114 -18.16 18.97 2.29
CA THR B 114 -17.61 20.28 1.80
CA THR B 114 -17.60 20.28 1.86
C THR B 114 -16.10 20.17 1.56
N HIS B 115 -15.32 19.62 2.51
CA HIS B 115 -13.84 19.67 2.40
C HIS B 115 -13.38 18.58 1.44
N LEU B 116 -14.06 17.45 1.30
CA LEU B 116 -13.56 16.46 0.30
C LEU B 116 -13.50 17.11 -1.08
N PRO B 117 -14.58 17.72 -1.62
CA PRO B 117 -14.51 18.34 -2.94
C PRO B 117 -13.64 19.62 -2.96
N LEU B 118 -13.84 20.54 -2.04
CA LEU B 118 -13.20 21.87 -2.12
C LEU B 118 -11.69 21.79 -1.86
N CYS B 119 -11.23 20.89 -1.00
CA CYS B 119 -9.76 20.70 -0.79
C CYS B 119 -9.12 19.90 -1.93
N SER B 120 -9.89 19.39 -2.87
CA SER B 120 -9.35 18.58 -4.00
C SER B 120 -9.08 19.43 -5.25
N ILE B 121 -9.57 20.66 -5.32
CA ILE B 121 -9.37 21.55 -6.50
C ILE B 121 -8.65 22.80 -6.05
N PRO B 122 -7.79 23.37 -6.91
CA PRO B 122 -7.11 24.61 -6.55
C PRO B 122 -8.04 25.84 -6.62
N ASN B 123 -7.92 26.70 -5.63
CA ASN B 123 -8.48 28.09 -5.65
C ASN B 123 -9.94 28.11 -6.14
N PRO B 124 -10.89 27.34 -5.54
CA PRO B 124 -12.28 27.39 -5.95
C PRO B 124 -12.89 28.77 -5.63
N LYS B 125 -13.72 29.27 -6.54
CA LYS B 125 -14.29 30.62 -6.43
C LYS B 125 -15.80 30.52 -6.38
N LYS B 126 -16.40 29.73 -7.25
CA LYS B 126 -17.87 29.76 -7.39
C LYS B 126 -18.43 28.35 -7.20
N VAL B 127 -19.29 28.22 -6.21
CA VAL B 127 -19.77 26.88 -5.77
C VAL B 127 -21.30 26.94 -5.67
N LEU B 128 -21.94 25.78 -5.93
CA LEU B 128 -23.40 25.60 -5.80
C LEU B 128 -23.64 24.52 -4.73
N VAL B 129 -24.46 24.82 -3.73
CA VAL B 129 -25.04 23.85 -2.78
C VAL B 129 -26.49 23.63 -3.15
N ILE B 130 -26.84 22.39 -3.43
CA ILE B 130 -28.26 21.99 -3.61
C ILE B 130 -28.75 21.32 -2.34
N GLY B 131 -29.84 21.83 -1.74
CA GLY B 131 -30.33 21.24 -0.48
C GLY B 131 -29.95 22.12 0.69
N GLY B 132 -31.00 22.54 1.40
CA GLY B 132 -30.96 23.41 2.57
C GLY B 132 -30.75 22.63 3.84
N GLY B 133 -30.55 23.35 4.95
CA GLY B 133 -30.33 22.73 6.27
C GLY B 133 -30.16 23.81 7.31
N ASP B 134 -29.30 23.57 8.29
CA ASP B 134 -29.07 24.56 9.37
C ASP B 134 -28.01 25.58 8.92
N GLY B 135 -27.48 25.42 7.71
CA GLY B 135 -26.48 26.36 7.19
C GLY B 135 -25.08 25.95 7.58
N GLY B 136 -24.95 24.81 8.27
CA GLY B 136 -23.65 24.19 8.61
C GLY B 136 -22.79 23.94 7.37
N VAL B 137 -23.35 23.46 6.26
CA VAL B 137 -22.59 23.27 5.00
C VAL B 137 -22.14 24.63 4.48
N LEU B 138 -23.02 25.66 4.47
CA LEU B 138 -22.63 27.03 4.13
C LEU B 138 -21.47 27.46 5.02
N ARG B 139 -21.49 27.19 6.32
CA ARG B 139 -20.39 27.65 7.22
C ARG B 139 -19.10 26.95 6.80
N GLU B 140 -19.19 25.69 6.36
CA GLU B 140 -17.93 24.95 6.06
C GLU B 140 -17.40 25.46 4.71
N VAL B 141 -18.28 25.73 3.74
CA VAL B 141 -17.83 26.29 2.44
C VAL B 141 -17.13 27.63 2.71
N ALA B 142 -17.69 28.46 3.61
CA ALA B 142 -17.18 29.83 3.91
C ALA B 142 -15.79 29.76 4.55
N ARG B 143 -15.43 28.62 5.12
CA ARG B 143 -14.08 28.43 5.70
C ARG B 143 -13.00 28.61 4.64
N HIS B 144 -13.36 28.46 3.36
CA HIS B 144 -12.43 28.58 2.22
C HIS B 144 -12.38 30.06 1.82
N ALA B 145 -11.27 30.73 2.11
CA ALA B 145 -11.08 32.18 1.75
C ALA B 145 -11.17 32.36 0.23
N SER B 146 -10.77 31.38 -0.58
CA SER B 146 -10.73 31.55 -2.05
C SER B 146 -12.14 31.76 -2.60
N ILE B 147 -13.13 31.18 -1.95
CA ILE B 147 -14.54 31.23 -2.41
C ILE B 147 -14.99 32.70 -2.45
N GLU B 148 -15.63 33.07 -3.55
CA GLU B 148 -16.24 34.39 -3.84
C GLU B 148 -17.77 34.30 -3.90
N GLN B 149 -18.34 33.16 -4.24
CA GLN B 149 -19.81 33.07 -4.49
C GLN B 149 -20.33 31.69 -4.11
N ILE B 150 -21.29 31.60 -3.18
CA ILE B 150 -21.92 30.33 -2.75
C ILE B 150 -23.41 30.38 -3.12
N ASP B 151 -23.79 29.82 -4.25
CA ASP B 151 -25.24 29.70 -4.61
C ASP B 151 -25.79 28.55 -3.80
N MET B 152 -26.97 28.74 -3.21
CA MET B 152 -27.69 27.61 -2.58
C MET B 152 -29.13 27.59 -3.08
N CYS B 153 -29.60 26.42 -3.49
CA CYS B 153 -31.00 26.24 -3.95
CA CYS B 153 -30.99 26.24 -3.98
C CYS B 153 -31.64 25.17 -3.10
N GLU B 154 -32.72 25.52 -2.41
CA GLU B 154 -33.55 24.60 -1.60
C GLU B 154 -35.01 24.81 -2.02
N ILE B 155 -35.70 23.75 -2.43
CA ILE B 155 -37.08 23.86 -2.99
C ILE B 155 -38.05 24.24 -1.87
N ASP B 156 -37.82 23.80 -0.63
CA ASP B 156 -38.84 23.84 0.48
C ASP B 156 -38.49 24.93 1.48
N LYS B 157 -39.12 26.06 1.33
CA LYS B 157 -39.01 27.24 2.21
C LYS B 157 -39.08 26.82 3.68
N MET B 158 -39.91 25.85 4.06
CA MET B 158 -40.10 25.44 5.48
C MET B 158 -38.78 24.84 6.05
N VAL B 159 -38.00 24.10 5.28
CA VAL B 159 -36.67 23.56 5.72
C VAL B 159 -35.78 24.73 6.17
N VAL B 160 -35.70 25.73 5.32
CA VAL B 160 -34.85 26.91 5.56
C VAL B 160 -35.39 27.68 6.79
N ASP B 161 -36.69 27.94 6.86
CA ASP B 161 -37.31 28.75 7.93
C ASP B 161 -37.09 28.05 9.28
N VAL B 162 -37.38 26.76 9.32
CA VAL B 162 -37.25 25.92 10.53
C VAL B 162 -35.78 25.91 10.95
N SER B 163 -34.86 25.79 10.01
CA SER B 163 -33.42 25.67 10.34
C SER B 163 -32.90 27.00 10.91
N LYS B 164 -33.39 28.12 10.38
CA LYS B 164 -33.03 29.47 10.85
C LYS B 164 -33.61 29.69 12.25
N GLN B 165 -34.84 29.24 12.49
CA GLN B 165 -35.51 29.54 13.77
C GLN B 165 -34.91 28.65 14.88
N PHE B 166 -34.72 27.35 14.64
CA PHE B 166 -34.43 26.37 15.73
C PHE B 166 -32.93 26.09 15.82
N PHE B 167 -32.16 26.38 14.79
CA PHE B 167 -30.69 26.15 14.80
C PHE B 167 -29.95 27.46 14.54
N PRO B 168 -30.23 28.51 15.33
CA PRO B 168 -29.71 29.85 15.05
C PRO B 168 -28.18 29.96 15.18
N ASP B 169 -27.56 29.16 16.05
CA ASP B 169 -26.09 29.20 16.29
C ASP B 169 -25.38 28.76 15.01
N VAL B 170 -26.04 28.00 14.14
CA VAL B 170 -25.38 27.52 12.90
C VAL B 170 -25.96 28.23 11.66
N ALA B 171 -27.19 28.71 11.72
CA ALA B 171 -27.81 29.44 10.59
C ALA B 171 -27.08 30.77 10.32
N ILE B 172 -26.06 31.15 11.11
CA ILE B 172 -25.19 32.30 10.79
C ILE B 172 -24.45 32.00 9.48
N GLY B 173 -24.42 30.74 9.04
CA GLY B 173 -23.88 30.39 7.71
C GLY B 173 -24.52 31.19 6.57
N TYR B 174 -25.82 31.48 6.67
CA TYR B 174 -26.61 32.12 5.60
C TYR B 174 -26.22 33.60 5.48
N GLU B 175 -25.58 34.14 6.52
CA GLU B 175 -25.25 35.59 6.63
C GLU B 175 -23.92 35.97 5.97
N ASP B 176 -23.10 35.00 5.58
CA ASP B 176 -21.82 35.35 4.93
C ASP B 176 -22.20 36.07 3.64
N PRO B 177 -21.52 37.18 3.30
CA PRO B 177 -21.97 37.97 2.17
C PRO B 177 -21.80 37.33 0.80
N ARG B 178 -21.11 36.18 0.72
CA ARG B 178 -20.94 35.46 -0.57
C ARG B 178 -22.15 34.56 -0.86
N VAL B 179 -23.06 34.36 0.09
CA VAL B 179 -24.20 33.42 -0.11
C VAL B 179 -25.30 34.06 -0.97
N ASN B 180 -25.80 33.29 -1.93
CA ASN B 180 -26.93 33.61 -2.81
C ASN B 180 -27.97 32.52 -2.58
N LEU B 181 -28.82 32.69 -1.57
CA LEU B 181 -29.89 31.71 -1.26
C LEU B 181 -31.05 31.87 -2.23
N VAL B 182 -31.34 30.82 -2.97
CA VAL B 182 -32.50 30.78 -3.89
C VAL B 182 -33.47 29.74 -3.34
N ILE B 183 -34.73 30.13 -3.12
CA ILE B 183 -35.79 29.15 -2.77
C ILE B 183 -36.35 28.70 -4.12
N GLY B 184 -36.13 27.46 -4.50
CA GLY B 184 -36.42 26.99 -5.87
C GLY B 184 -36.10 25.55 -6.08
N ASP B 185 -36.63 25.00 -7.17
CA ASP B 185 -36.32 23.63 -7.67
C ASP B 185 -34.87 23.62 -8.13
N GLY B 186 -34.04 22.79 -7.50
CA GLY B 186 -32.60 22.71 -7.85
C GLY B 186 -32.37 22.01 -9.19
N VAL B 187 -33.25 21.08 -9.57
CA VAL B 187 -33.21 20.40 -10.91
C VAL B 187 -33.38 21.49 -11.99
N ALA B 188 -34.39 22.36 -11.84
CA ALA B 188 -34.68 23.54 -12.70
C ALA B 188 -33.46 24.48 -12.69
N PHE B 189 -32.95 24.76 -11.51
CA PHE B 189 -31.82 25.72 -11.30
C PHE B 189 -30.57 25.27 -12.09
N LEU B 190 -30.22 23.97 -12.07
CA LEU B 190 -29.06 23.42 -12.84
C LEU B 190 -29.36 23.49 -14.35
N LYS B 191 -30.60 23.20 -14.76
CA LYS B 191 -30.99 23.26 -16.19
C LYS B 191 -30.72 24.65 -16.74
N ASN B 192 -30.96 25.69 -15.93
CA ASN B 192 -30.88 27.13 -16.33
C ASN B 192 -29.52 27.73 -15.94
N ALA B 193 -28.60 26.93 -15.38
CA ALA B 193 -27.27 27.43 -14.99
C ALA B 193 -26.43 27.69 -16.24
N ALA B 194 -25.56 28.69 -16.24
CA ALA B 194 -24.64 28.95 -17.36
C ALA B 194 -23.63 27.79 -17.44
N GLU B 195 -23.61 27.12 -18.60
CA GLU B 195 -22.68 26.03 -18.96
C GLU B 195 -21.28 26.40 -18.45
N GLY B 196 -20.59 25.48 -17.78
CA GLY B 196 -19.20 25.73 -17.41
C GLY B 196 -18.98 26.76 -16.32
N SER B 197 -19.98 27.18 -15.53
CA SER B 197 -19.87 28.35 -14.63
C SER B 197 -19.50 28.00 -13.20
N TYR B 198 -19.44 26.74 -12.78
CA TYR B 198 -19.17 26.42 -11.37
C TYR B 198 -17.87 25.66 -11.24
N ASP B 199 -17.14 25.94 -10.16
CA ASP B 199 -15.96 25.14 -9.77
C ASP B 199 -16.41 23.83 -9.10
N ALA B 200 -17.42 23.91 -8.23
CA ALA B 200 -17.90 22.72 -7.50
C ALA B 200 -19.41 22.79 -7.34
N VAL B 201 -20.05 21.63 -7.27
CA VAL B 201 -21.47 21.50 -6.86
C VAL B 201 -21.49 20.50 -5.74
N ILE B 202 -22.14 20.85 -4.63
CA ILE B 202 -22.36 19.96 -3.48
C ILE B 202 -23.85 19.67 -3.41
N VAL B 203 -24.22 18.39 -3.42
CA VAL B 203 -25.64 17.96 -3.37
C VAL B 203 -25.91 17.39 -2.00
N ASP B 204 -26.41 18.25 -1.12
CA ASP B 204 -26.69 17.89 0.28
C ASP B 204 -28.17 17.62 0.41
N SER B 205 -28.56 16.43 -0.03
CA SER B 205 -29.97 16.08 -0.29
C SER B 205 -30.45 15.12 0.79
N SER B 206 -31.76 15.07 0.92
CA SER B 206 -32.51 14.04 1.65
C SER B 206 -32.46 12.76 0.78
N ASP B 207 -33.09 11.68 1.22
CA ASP B 207 -33.00 10.37 0.53
C ASP B 207 -33.87 10.38 -0.73
N PRO B 208 -33.72 9.32 -1.55
CA PRO B 208 -34.43 9.25 -2.83
C PRO B 208 -35.96 9.12 -2.73
N ILE B 209 -36.47 8.87 -1.54
CA ILE B 209 -37.94 8.82 -1.32
C ILE B 209 -38.35 10.20 -0.80
N GLY B 210 -39.02 10.99 -1.63
CA GLY B 210 -39.40 12.36 -1.29
C GLY B 210 -38.93 13.36 -2.33
N PRO B 211 -38.86 14.65 -1.97
CA PRO B 211 -38.52 15.69 -2.94
C PRO B 211 -37.20 15.47 -3.69
N ALA B 212 -36.22 14.76 -3.08
CA ALA B 212 -34.83 14.64 -3.62
C ALA B 212 -34.73 13.50 -4.65
N LYS B 213 -35.81 12.77 -4.90
CA LYS B 213 -35.83 11.61 -5.83
C LYS B 213 -34.98 11.86 -7.10
N GLU B 214 -35.26 12.92 -7.87
CA GLU B 214 -34.62 13.19 -9.19
C GLU B 214 -33.12 13.44 -9.05
N LEU B 215 -32.66 13.90 -7.88
CA LEU B 215 -31.25 14.30 -7.64
C LEU B 215 -30.35 13.08 -7.71
N PHE B 216 -30.92 11.88 -7.69
CA PHE B 216 -30.14 10.63 -7.69
C PHE B 216 -30.12 10.02 -9.09
N GLU B 217 -30.76 10.65 -10.09
CA GLU B 217 -30.97 10.06 -11.43
C GLU B 217 -30.07 10.72 -12.47
N LYS B 218 -29.86 10.06 -13.61
CA LYS B 218 -28.79 10.41 -14.57
C LYS B 218 -28.95 11.81 -15.18
N PRO B 219 -30.15 12.25 -15.61
CA PRO B 219 -30.29 13.58 -16.20
C PRO B 219 -29.80 14.69 -15.23
N PHE B 220 -30.10 14.57 -13.93
CA PHE B 220 -29.62 15.57 -12.94
C PHE B 220 -28.08 15.60 -13.01
N PHE B 221 -27.47 14.41 -13.04
CA PHE B 221 -25.98 14.30 -13.04
C PHE B 221 -25.46 14.92 -14.35
N GLN B 222 -26.13 14.67 -15.49
CA GLN B 222 -25.71 15.24 -16.80
CA GLN B 222 -25.75 15.24 -16.82
C GLN B 222 -25.79 16.77 -16.70
N SER B 223 -26.84 17.29 -16.08
N SER B 223 -26.82 17.30 -16.06
CA SER B 223 -27.06 18.74 -15.86
CA SER B 223 -27.03 18.76 -15.91
C SER B 223 -25.94 19.32 -15.00
C SER B 223 -25.96 19.35 -14.97
N VAL B 224 -25.49 18.59 -13.97
CA VAL B 224 -24.33 19.03 -13.12
C VAL B 224 -23.05 19.10 -13.96
N ALA B 225 -22.75 18.07 -14.74
CA ALA B 225 -21.55 18.02 -15.62
C ALA B 225 -21.54 19.25 -16.52
N ARG B 226 -22.71 19.63 -17.02
CA ARG B 226 -22.88 20.75 -17.98
C ARG B 226 -22.51 22.06 -17.27
N ALA B 227 -22.86 22.17 -16.00
CA ALA B 227 -22.75 23.40 -15.22
C ALA B 227 -21.32 23.62 -14.70
N LEU B 228 -20.50 22.56 -14.64
CA LEU B 228 -19.14 22.61 -14.04
C LEU B 228 -18.17 23.05 -15.12
N ARG B 229 -17.18 23.83 -14.75
CA ARG B 229 -16.03 24.12 -15.65
C ARG B 229 -15.31 22.80 -15.94
N PRO B 230 -14.38 22.75 -16.94
CA PRO B 230 -13.45 21.65 -17.09
C PRO B 230 -12.62 21.48 -15.83
N GLY B 231 -12.62 20.22 -15.33
CA GLY B 231 -11.95 19.83 -14.08
C GLY B 231 -12.74 20.28 -12.85
N GLY B 232 -13.95 20.82 -13.03
CA GLY B 232 -14.92 21.14 -11.97
C GLY B 232 -15.37 19.85 -11.27
N VAL B 233 -15.89 19.95 -10.06
CA VAL B 233 -16.16 18.73 -9.29
C VAL B 233 -17.58 18.77 -8.74
N VAL B 234 -18.14 17.58 -8.58
CA VAL B 234 -19.39 17.36 -7.83
C VAL B 234 -19.13 16.43 -6.65
N CYS B 235 -19.84 16.68 -5.56
CA CYS B 235 -19.88 15.81 -4.37
C CYS B 235 -21.32 15.61 -3.97
N THR B 236 -21.83 14.38 -4.06
CA THR B 236 -23.25 14.14 -3.76
C THR B 236 -23.34 13.20 -2.58
N GLN B 237 -24.36 13.43 -1.76
CA GLN B 237 -24.82 12.46 -0.74
C GLN B 237 -25.19 11.17 -1.44
N ALA B 238 -24.50 10.09 -1.09
CA ALA B 238 -24.59 8.85 -1.89
C ALA B 238 -24.73 7.62 -0.98
N GLU B 239 -25.40 7.78 0.17
CA GLU B 239 -26.13 6.70 0.91
C GLU B 239 -25.11 5.78 1.59
N SER B 240 -25.52 4.58 1.99
CA SER B 240 -24.72 3.61 2.80
C SER B 240 -24.28 2.44 1.94
N LEU B 241 -22.99 2.14 1.96
CA LEU B 241 -22.48 0.92 1.30
C LEU B 241 -23.01 -0.30 2.02
N TRP B 242 -23.43 -0.18 3.28
CA TRP B 242 -23.96 -1.38 3.96
C TRP B 242 -25.41 -1.66 3.58
N LEU B 243 -26.14 -0.64 3.13
CA LEU B 243 -27.61 -0.80 2.95
C LEU B 243 -27.98 -0.67 1.51
N HIS B 244 -27.20 0.05 0.70
CA HIS B 244 -27.75 0.55 -0.58
C HIS B 244 -26.85 0.19 -1.78
N MET B 245 -26.18 -0.96 -1.76
CA MET B 245 -25.11 -1.24 -2.77
C MET B 245 -25.74 -1.17 -4.19
N ASP B 246 -26.98 -1.60 -4.37
CA ASP B 246 -27.53 -1.64 -5.76
C ASP B 246 -27.77 -0.21 -6.23
N ILE B 247 -28.31 0.63 -5.37
CA ILE B 247 -28.52 2.05 -5.69
C ILE B 247 -27.16 2.69 -6.00
N ILE B 248 -26.11 2.42 -5.18
CA ILE B 248 -24.79 3.11 -5.27
C ILE B 248 -24.12 2.61 -6.55
N GLU B 249 -24.23 1.32 -6.85
CA GLU B 249 -23.64 0.74 -8.07
C GLU B 249 -24.17 1.44 -9.34
N ASP B 250 -25.47 1.69 -9.37
CA ASP B 250 -26.14 2.40 -10.49
C ASP B 250 -25.66 3.84 -10.57
N ILE B 251 -25.58 4.54 -9.44
CA ILE B 251 -25.12 5.97 -9.45
C ILE B 251 -23.68 6.01 -9.99
N VAL B 252 -22.84 5.15 -9.46
CA VAL B 252 -21.42 5.04 -9.89
C VAL B 252 -21.35 4.78 -11.41
N SER B 253 -22.10 3.81 -11.88
CA SER B 253 -22.15 3.47 -13.32
C SER B 253 -22.60 4.71 -14.13
N ASN B 254 -23.63 5.42 -13.68
CA ASN B 254 -24.13 6.63 -14.40
C ASN B 254 -23.02 7.70 -14.44
N CYS B 255 -22.34 7.92 -13.31
CA CYS B 255 -21.28 8.95 -13.19
C CYS B 255 -20.12 8.61 -14.14
N ARG B 256 -19.70 7.34 -14.23
CA ARG B 256 -18.57 6.92 -15.13
C ARG B 256 -18.96 7.24 -16.57
N GLU B 257 -20.24 7.07 -16.93
CA GLU B 257 -20.76 7.36 -18.29
C GLU B 257 -20.63 8.86 -18.55
N ILE B 258 -20.91 9.70 -17.54
CA ILE B 258 -21.06 11.17 -17.73
C ILE B 258 -19.72 11.88 -17.52
N PHE B 259 -18.98 11.54 -16.45
CA PHE B 259 -17.79 12.29 -16.00
C PHE B 259 -16.55 11.57 -16.49
N LYS B 260 -15.71 12.25 -17.28
CA LYS B 260 -14.51 11.66 -17.91
C LYS B 260 -13.25 12.14 -17.20
N GLY B 261 -13.38 12.92 -16.15
CA GLY B 261 -12.25 13.10 -15.21
C GLY B 261 -12.23 11.96 -14.22
N SER B 262 -12.28 12.27 -12.93
CA SER B 262 -12.11 11.25 -11.84
C SER B 262 -13.51 10.85 -11.37
N VAL B 263 -13.74 9.60 -10.97
CA VAL B 263 -15.03 9.20 -10.34
C VAL B 263 -14.64 8.33 -9.16
N ASN B 264 -14.98 8.76 -7.94
CA ASN B 264 -14.51 8.07 -6.73
C ASN B 264 -15.64 8.09 -5.74
N TYR B 265 -15.65 7.13 -4.86
CA TYR B 265 -16.68 7.09 -3.78
C TYR B 265 -15.92 7.15 -2.45
N ALA B 266 -16.40 7.99 -1.52
CA ALA B 266 -15.78 8.15 -0.19
C ALA B 266 -16.85 7.85 0.84
N TRP B 267 -16.43 7.52 2.06
CA TRP B 267 -17.42 7.38 3.13
C TRP B 267 -16.90 7.90 4.46
N THR B 268 -17.86 8.12 5.35
CA THR B 268 -17.52 8.65 6.66
C THR B 268 -18.50 8.12 7.68
N SER B 269 -18.09 8.21 8.93
CA SER B 269 -18.88 7.92 10.13
C SER B 269 -19.85 9.07 10.44
N VAL B 270 -21.13 8.73 10.51
CA VAL B 270 -22.17 9.62 11.07
C VAL B 270 -23.11 8.72 11.85
N PRO B 271 -22.99 8.73 13.17
CA PRO B 271 -23.74 7.82 14.01
C PRO B 271 -25.24 7.84 13.77
N THR B 272 -25.82 9.00 13.50
CA THR B 272 -27.29 9.14 13.43
C THR B 272 -27.74 9.10 12.00
N TYR B 273 -26.90 8.62 11.08
CA TYR B 273 -27.45 8.13 9.78
C TYR B 273 -27.51 6.60 9.81
N PRO B 274 -28.50 6.02 9.12
CA PRO B 274 -28.71 4.60 9.28
C PRO B 274 -27.47 3.79 8.84
N SER B 275 -27.15 2.75 9.61
CA SER B 275 -25.93 1.94 9.53
C SER B 275 -24.71 2.67 10.05
N GLY B 276 -24.78 3.97 10.38
CA GLY B 276 -23.64 4.65 11.05
C GLY B 276 -22.63 5.24 10.06
N VAL B 277 -22.86 5.06 8.76
CA VAL B 277 -22.05 5.65 7.68
C VAL B 277 -22.95 6.28 6.64
N ILE B 278 -22.33 7.16 5.92
CA ILE B 278 -22.86 7.76 4.69
C ILE B 278 -21.68 7.94 3.75
N GLY B 279 -21.99 7.87 2.46
CA GLY B 279 -20.99 8.07 1.42
C GLY B 279 -21.28 9.22 0.48
N PHE B 280 -20.25 9.52 -0.29
CA PHE B 280 -20.27 10.60 -1.29
C PHE B 280 -19.76 10.13 -2.65
N MET B 281 -20.45 10.55 -3.72
CA MET B 281 -19.87 10.45 -5.08
C MET B 281 -19.05 11.71 -5.25
N LEU B 282 -17.77 11.56 -5.57
CA LEU B 282 -16.91 12.64 -6.03
C LEU B 282 -16.65 12.40 -7.52
N CYS B 283 -16.91 13.41 -8.34
CA CYS B 283 -16.58 13.29 -9.79
C CYS B 283 -16.00 14.62 -10.30
N SER B 284 -15.10 14.53 -11.28
CA SER B 284 -14.58 15.73 -11.97
C SER B 284 -14.82 15.53 -13.47
N THR B 285 -15.08 16.64 -14.15
CA THR B 285 -15.28 16.68 -15.62
C THR B 285 -13.89 16.64 -16.29
N GLU B 286 -13.91 16.26 -17.55
CA GLU B 286 -12.70 16.32 -18.41
C GLU B 286 -12.11 17.74 -18.34
N GLY B 287 -10.80 17.84 -18.19
CA GLY B 287 -10.09 19.09 -17.95
C GLY B 287 -8.89 18.78 -17.09
N PRO B 288 -8.37 19.74 -16.31
CA PRO B 288 -7.27 19.46 -15.38
C PRO B 288 -7.59 18.26 -14.48
N ASP B 289 -6.57 17.43 -14.27
CA ASP B 289 -6.66 16.20 -13.46
C ASP B 289 -6.99 16.58 -12.02
N VAL B 290 -7.83 15.78 -11.36
CA VAL B 290 -8.20 15.91 -9.92
C VAL B 290 -7.92 14.57 -9.23
N ASP B 291 -7.05 14.61 -8.22
CA ASP B 291 -6.78 13.47 -7.33
C ASP B 291 -7.61 13.69 -6.07
N PHE B 292 -8.80 13.14 -6.02
CA PHE B 292 -9.70 13.33 -4.85
C PHE B 292 -9.06 12.74 -3.60
N LYS B 293 -8.17 11.75 -3.73
CA LYS B 293 -7.68 10.95 -2.58
C LYS B 293 -6.63 11.71 -1.79
N HIS B 294 -5.92 12.62 -2.43
CA HIS B 294 -4.83 13.43 -1.83
C HIS B 294 -5.09 14.92 -2.05
N PRO B 295 -5.54 15.68 -1.03
CA PRO B 295 -5.94 17.06 -1.23
C PRO B 295 -4.80 18.00 -1.66
N LEU B 296 -4.96 18.60 -2.83
CA LEU B 296 -4.05 19.61 -3.39
C LEU B 296 -4.25 20.99 -2.71
N ASN B 297 -5.44 21.20 -2.11
CA ASN B 297 -5.87 22.52 -1.52
C ASN B 297 -6.28 22.34 -0.05
N PRO B 298 -5.36 21.88 0.83
CA PRO B 298 -5.74 21.55 2.19
C PRO B 298 -6.14 22.84 2.92
N ILE B 299 -7.12 22.70 3.78
CA ILE B 299 -7.73 23.78 4.59
C ILE B 299 -6.98 23.79 5.92
N ASP B 300 -6.84 24.97 6.53
CA ASP B 300 -6.12 25.22 7.80
C ASP B 300 -6.55 24.21 8.88
N ASN B 307 -15.62 29.58 12.71
CA ASN B 307 -14.38 30.19 13.28
C ASN B 307 -13.71 29.18 14.23
N GLY B 308 -14.48 28.27 14.86
CA GLY B 308 -14.00 27.10 15.62
C GLY B 308 -13.13 26.15 14.78
N PRO B 309 -12.19 25.39 15.40
CA PRO B 309 -11.37 24.44 14.66
C PRO B 309 -12.28 23.36 14.06
N LEU B 310 -11.81 22.71 13.02
CA LEU B 310 -12.54 21.55 12.48
C LEU B 310 -12.65 20.52 13.61
N LYS B 311 -13.79 19.89 13.70
CA LYS B 311 -14.07 18.86 14.69
C LYS B 311 -13.76 17.46 14.14
N PHE B 312 -13.78 17.27 12.83
CA PHE B 312 -13.83 15.89 12.28
C PHE B 312 -12.79 15.76 11.17
N TYR B 313 -12.96 16.54 10.11
CA TYR B 313 -12.08 16.58 8.91
C TYR B 313 -10.65 16.94 9.30
N ASN B 314 -9.72 16.28 8.60
CA ASN B 314 -8.28 16.58 8.58
C ASN B 314 -7.74 15.92 7.31
N ALA B 315 -6.53 16.30 6.96
CA ALA B 315 -5.87 15.83 5.72
C ALA B 315 -5.75 14.30 5.67
N GLU B 316 -5.48 13.66 6.81
CA GLU B 316 -5.26 12.19 6.87
C GLU B 316 -6.61 11.50 6.68
N ILE B 317 -7.68 12.04 7.27
CA ILE B 317 -8.99 11.35 7.16
C ILE B 317 -9.57 11.62 5.76
N HIS B 318 -9.17 12.69 5.11
CA HIS B 318 -9.51 12.93 3.68
C HIS B 318 -9.14 11.70 2.85
N SER B 319 -7.89 11.27 2.90
CA SER B 319 -7.41 10.07 2.13
C SER B 319 -8.09 8.78 2.64
N ALA B 320 -8.21 8.66 3.96
CA ALA B 320 -8.82 7.47 4.59
C ALA B 320 -10.25 7.22 4.07
N ALA B 321 -11.02 8.29 3.83
CA ALA B 321 -12.43 8.24 3.40
C ALA B 321 -12.59 7.48 2.10
N PHE B 322 -11.53 7.37 1.27
CA PHE B 322 -11.62 6.67 -0.02
C PHE B 322 -11.19 5.21 0.07
N CYS B 323 -10.79 4.73 1.25
CA CYS B 323 -10.36 3.33 1.51
C CYS B 323 -11.58 2.52 1.95
N LEU B 324 -12.28 1.96 0.99
CA LEU B 324 -13.56 1.24 1.21
C LEU B 324 -13.30 -0.21 1.59
N PRO B 325 -14.27 -0.82 2.28
CA PRO B 325 -14.19 -2.23 2.62
C PRO B 325 -14.15 -3.08 1.36
N SER B 326 -13.55 -4.26 1.42
CA SER B 326 -13.36 -5.13 0.22
C SER B 326 -14.69 -5.39 -0.52
N PHE B 327 -15.81 -5.62 0.18
CA PHE B 327 -17.09 -5.98 -0.49
C PHE B 327 -17.55 -4.84 -1.41
N ALA B 328 -17.20 -3.60 -1.10
CA ALA B 328 -17.73 -2.39 -1.77
C ALA B 328 -16.76 -2.01 -2.89
N LYS B 329 -15.48 -1.99 -2.54
CA LYS B 329 -14.36 -1.63 -3.43
C LYS B 329 -14.52 -2.48 -4.68
N LYS B 330 -14.80 -3.76 -4.50
CA LYS B 330 -14.96 -4.69 -5.64
C LYS B 330 -16.11 -4.19 -6.55
N VAL B 331 -17.24 -3.77 -5.99
CA VAL B 331 -18.47 -3.38 -6.75
C VAL B 331 -18.19 -2.02 -7.41
N ILE B 332 -17.71 -1.04 -6.65
CA ILE B 332 -17.53 0.37 -7.06
C ILE B 332 -16.40 0.50 -8.08
N GLU B 333 -15.33 -0.29 -7.96
CA GLU B 333 -14.11 -0.15 -8.81
C GLU B 333 -14.19 -1.08 -10.04
N SER B 334 -15.07 -2.09 -10.03
CA SER B 334 -15.51 -2.83 -11.23
C SER B 334 -15.67 -1.83 -12.40
N THR C 45 41.62 -9.15 -31.29
CA THR C 45 41.33 -7.84 -31.95
C THR C 45 39.95 -7.31 -31.52
N VAL C 46 39.75 -6.00 -31.52
CA VAL C 46 38.45 -5.48 -31.00
C VAL C 46 37.40 -5.49 -32.10
N ILE C 47 36.15 -5.71 -31.74
CA ILE C 47 35.04 -5.54 -32.69
C ILE C 47 34.86 -4.05 -32.83
N PRO C 48 34.86 -3.51 -34.06
CA PRO C 48 34.71 -2.08 -34.25
C PRO C 48 33.30 -1.59 -33.91
N GLY C 49 33.22 -0.32 -33.48
CA GLY C 49 32.00 0.47 -33.43
C GLY C 49 31.46 0.66 -32.02
N TRP C 50 32.26 0.40 -31.00
CA TRP C 50 31.77 0.39 -29.61
C TRP C 50 32.43 1.46 -28.74
N PHE C 51 31.61 2.08 -27.91
CA PHE C 51 32.02 2.92 -26.76
C PHE C 51 32.09 2.07 -25.51
N SER C 52 33.19 2.19 -24.75
CA SER C 52 33.38 1.42 -23.49
C SER C 52 33.59 2.40 -22.35
N GLU C 53 32.77 2.26 -21.31
CA GLU C 53 32.78 3.19 -20.16
C GLU C 53 33.77 2.63 -19.15
N MET C 54 35.03 3.04 -19.25
CA MET C 54 36.15 2.57 -18.41
C MET C 54 36.47 3.66 -17.39
N SER C 55 36.69 3.32 -16.11
CA SER C 55 36.91 4.28 -15.01
C SER C 55 37.52 3.57 -13.81
N PRO C 56 38.55 4.15 -13.14
CA PRO C 56 39.03 3.68 -11.84
C PRO C 56 37.99 3.72 -10.70
N MET C 57 36.82 4.30 -10.98
CA MET C 57 35.68 4.26 -10.02
C MET C 57 35.03 2.86 -10.07
N TRP C 58 35.30 2.08 -11.12
CA TRP C 58 34.84 0.69 -11.34
C TRP C 58 35.92 -0.09 -12.09
N PRO C 59 37.01 -0.39 -11.36
CA PRO C 59 38.22 -0.91 -11.99
C PRO C 59 37.93 -2.29 -12.56
N GLY C 60 38.56 -2.58 -13.68
CA GLY C 60 38.54 -3.96 -14.20
C GLY C 60 37.22 -4.32 -14.87
N GLU C 61 36.30 -3.37 -15.05
CA GLU C 61 35.02 -3.67 -15.75
C GLU C 61 34.59 -2.47 -16.58
N ALA C 62 33.71 -2.73 -17.56
CA ALA C 62 33.19 -1.66 -18.42
C ALA C 62 31.93 -2.13 -19.10
N HIS C 63 30.93 -1.27 -19.08
CA HIS C 63 29.72 -1.38 -19.90
C HIS C 63 30.04 -0.82 -21.26
N SER C 64 29.78 -1.56 -22.31
CA SER C 64 30.02 -1.01 -23.65
C SER C 64 28.68 -0.94 -24.39
N LEU C 65 28.57 0.03 -25.28
CA LEU C 65 27.40 0.29 -26.14
C LEU C 65 27.88 0.44 -27.56
N LYS C 66 27.21 -0.28 -28.46
CA LYS C 66 27.39 -0.10 -29.90
C LYS C 66 26.98 1.33 -30.25
N VAL C 67 27.85 2.08 -30.89
CA VAL C 67 27.62 3.50 -31.27
C VAL C 67 27.14 3.51 -32.73
N GLU C 68 25.98 4.06 -33.00
CA GLU C 68 25.43 4.31 -34.35
C GLU C 68 26.04 5.61 -34.94
N LYS C 69 26.00 6.73 -34.25
CA LYS C 69 26.79 7.92 -34.67
C LYS C 69 27.08 8.84 -33.49
N VAL C 70 28.10 9.68 -33.65
CA VAL C 70 28.46 10.72 -32.65
C VAL C 70 27.68 11.95 -33.02
N LEU C 71 26.76 12.38 -32.18
CA LEU C 71 25.97 13.57 -32.46
C LEU C 71 26.76 14.83 -32.08
N PHE C 72 27.55 14.76 -31.04
CA PHE C 72 28.36 15.92 -30.58
C PHE C 72 29.47 15.39 -29.69
N GLN C 73 30.66 15.95 -29.87
CA GLN C 73 31.73 15.74 -28.87
C GLN C 73 32.53 17.03 -28.79
N GLY C 74 32.73 17.50 -27.58
CA GLY C 74 33.42 18.77 -27.28
C GLY C 74 34.02 18.70 -25.92
N LYS C 75 34.69 19.75 -25.51
CA LYS C 75 35.30 19.84 -24.15
C LYS C 75 34.96 21.23 -23.67
N SER C 76 34.21 21.32 -22.59
CA SER C 76 33.83 22.59 -21.93
C SER C 76 34.98 22.93 -20.98
N ASP C 77 34.89 24.04 -20.24
CA ASP C 77 35.91 24.34 -19.18
C ASP C 77 35.80 23.33 -18.03
N TYR C 78 34.70 22.55 -17.97
CA TYR C 78 34.40 21.65 -16.84
C TYR C 78 34.65 20.19 -17.18
N GLN C 79 34.33 19.78 -18.40
CA GLN C 79 34.39 18.33 -18.68
C GLN C 79 34.27 18.07 -20.18
N ASP C 80 34.65 16.86 -20.57
CA ASP C 80 34.45 16.31 -21.92
C ASP C 80 32.97 15.97 -22.06
N VAL C 81 32.35 16.41 -23.15
CA VAL C 81 30.88 16.28 -23.35
C VAL C 81 30.64 15.53 -24.65
N ILE C 82 29.93 14.41 -24.57
CA ILE C 82 29.61 13.59 -25.75
C ILE C 82 28.10 13.35 -25.74
N VAL C 83 27.50 13.40 -26.91
CA VAL C 83 26.16 12.81 -27.13
C VAL C 83 26.30 11.86 -28.30
N PHE C 84 25.90 10.59 -28.12
CA PHE C 84 25.87 9.71 -29.30
CA PHE C 84 25.95 9.45 -29.07
C PHE C 84 24.51 9.06 -29.44
N GLN C 85 24.25 8.60 -30.65
CA GLN C 85 23.11 7.74 -30.94
C GLN C 85 23.65 6.34 -30.73
N SER C 86 23.24 5.65 -29.66
CA SER C 86 23.56 4.20 -29.50
C SER C 86 22.68 3.36 -30.44
N ALA C 87 23.08 2.13 -30.73
CA ALA C 87 22.25 1.22 -31.59
C ALA C 87 20.99 0.80 -30.83
N THR C 88 21.05 0.53 -29.51
CA THR C 88 19.88 -0.14 -28.83
C THR C 88 19.45 0.54 -27.52
N TYR C 89 20.13 1.61 -27.09
CA TYR C 89 19.72 2.35 -25.85
C TYR C 89 19.28 3.77 -26.22
N GLY C 90 19.13 4.04 -27.50
CA GLY C 90 18.85 5.40 -27.99
C GLY C 90 19.99 6.38 -27.74
N LYS C 91 19.64 7.65 -27.56
CA LYS C 91 20.65 8.69 -27.40
C LYS C 91 21.21 8.62 -25.98
N VAL C 92 22.48 8.97 -25.84
CA VAL C 92 23.29 8.74 -24.61
C VAL C 92 24.10 10.03 -24.37
N LEU C 93 24.03 10.59 -23.18
CA LEU C 93 24.90 11.71 -22.76
C LEU C 93 26.09 11.12 -21.98
N VAL C 94 27.30 11.53 -22.30
CA VAL C 94 28.56 11.01 -21.68
C VAL C 94 29.39 12.20 -21.20
N LEU C 95 29.77 12.23 -19.93
CA LEU C 95 30.59 13.35 -19.40
C LEU C 95 31.85 12.76 -18.79
N ASP C 96 33.01 13.20 -19.26
CA ASP C 96 34.32 12.59 -18.85
C ASP C 96 34.32 11.05 -19.01
N GLY C 97 33.74 10.54 -20.09
CA GLY C 97 33.79 9.10 -20.40
C GLY C 97 32.79 8.29 -19.61
N VAL C 98 31.94 8.94 -18.83
CA VAL C 98 30.95 8.27 -17.96
C VAL C 98 29.52 8.51 -18.49
N ILE C 99 28.76 7.43 -18.59
CA ILE C 99 27.35 7.52 -19.05
C ILE C 99 26.53 8.26 -17.97
N GLN C 100 25.87 9.35 -18.36
CA GLN C 100 24.98 10.14 -17.47
C GLN C 100 23.54 9.69 -17.65
N LEU C 101 23.14 9.30 -18.88
CA LEU C 101 21.75 8.85 -19.15
C LEU C 101 21.71 8.21 -20.53
N THR C 102 20.74 7.34 -20.73
CA THR C 102 20.29 6.81 -22.01
C THR C 102 18.78 7.03 -22.07
N GLU C 103 18.25 7.19 -23.26
CA GLU C 103 16.79 7.33 -23.43
C GLU C 103 16.11 6.03 -23.00
N ARG C 104 16.69 4.85 -23.18
CA ARG C 104 16.01 3.53 -22.94
C ARG C 104 15.75 3.33 -21.44
N ASP C 105 16.65 3.77 -20.53
CA ASP C 105 16.46 3.42 -19.10
C ASP C 105 16.49 4.63 -18.17
N GLU C 106 16.48 5.85 -18.71
CA GLU C 106 16.50 7.03 -17.80
C GLU C 106 15.26 7.01 -16.90
N CYS C 107 14.14 6.46 -17.39
CA CYS C 107 12.90 6.44 -16.58
C CYS C 107 13.22 5.92 -15.19
N ALA C 108 14.07 4.90 -15.08
CA ALA C 108 14.25 4.24 -13.78
C ALA C 108 14.88 5.27 -12.84
N TYR C 109 15.94 5.89 -13.27
CA TYR C 109 16.67 6.87 -12.45
C TYR C 109 15.81 8.12 -12.19
N GLN C 110 15.24 8.70 -13.25
CA GLN C 110 14.53 10.02 -13.17
C GLN C 110 13.26 9.88 -12.36
N GLU C 111 12.49 8.79 -12.51
CA GLU C 111 11.26 8.60 -11.71
C GLU C 111 11.68 8.34 -10.26
N MET C 112 12.70 7.54 -9.97
CA MET C 112 12.98 7.21 -8.57
C MET C 112 13.62 8.42 -7.86
N ILE C 113 14.57 9.10 -8.48
CA ILE C 113 15.25 10.23 -7.79
C ILE C 113 14.22 11.32 -7.39
N THR C 114 13.18 11.49 -8.20
CA THR C 114 12.16 12.56 -8.14
C THR C 114 11.05 12.11 -7.19
N HIS C 115 10.47 10.96 -7.44
CA HIS C 115 9.24 10.50 -6.74
C HIS C 115 9.56 9.90 -5.37
N LEU C 116 10.75 9.36 -5.12
CA LEU C 116 11.02 8.88 -3.76
C LEU C 116 10.88 10.07 -2.80
N PRO C 117 11.55 11.22 -2.99
CA PRO C 117 11.38 12.30 -2.02
C PRO C 117 9.98 12.94 -2.16
N LEU C 118 9.50 13.25 -3.37
CA LEU C 118 8.30 14.13 -3.50
C LEU C 118 6.99 13.42 -3.14
N CYS C 119 6.92 12.09 -3.25
CA CYS C 119 5.75 11.29 -2.85
C CYS C 119 5.79 10.98 -1.34
N SER C 120 6.81 11.45 -0.63
CA SER C 120 7.02 11.18 0.82
C SER C 120 6.62 12.41 1.66
N ILE C 121 6.42 13.58 1.03
CA ILE C 121 5.94 14.80 1.77
C ILE C 121 4.65 15.31 1.13
N PRO C 122 3.83 16.00 1.95
CA PRO C 122 2.60 16.58 1.43
C PRO C 122 2.80 17.88 0.63
N ASN C 123 2.17 17.99 -0.55
CA ASN C 123 2.06 19.23 -1.35
C ASN C 123 3.38 19.97 -1.40
N PRO C 124 4.44 19.35 -1.93
CA PRO C 124 5.69 20.07 -2.17
C PRO C 124 5.42 21.22 -3.15
N LYS C 125 5.95 22.41 -2.83
CA LYS C 125 5.73 23.64 -3.65
C LYS C 125 7.03 24.13 -4.28
N LYS C 126 8.13 24.07 -3.53
CA LYS C 126 9.39 24.73 -3.91
C LYS C 126 10.50 23.69 -3.82
N VAL C 127 11.08 23.41 -4.97
CA VAL C 127 12.10 22.35 -5.11
C VAL C 127 13.31 22.89 -5.85
N LEU C 128 14.48 22.49 -5.40
CA LEU C 128 15.77 22.74 -6.10
C LEU C 128 16.27 21.44 -6.69
N VAL C 129 16.61 21.46 -7.97
CA VAL C 129 17.35 20.40 -8.70
C VAL C 129 18.78 20.89 -8.96
N ILE C 130 19.73 20.26 -8.29
CA ILE C 130 21.18 20.47 -8.55
C ILE C 130 21.66 19.44 -9.56
N GLY C 131 22.12 19.89 -10.72
CA GLY C 131 22.52 18.99 -11.81
C GLY C 131 21.55 19.04 -12.96
N GLY C 132 22.09 19.31 -14.14
CA GLY C 132 21.29 19.39 -15.37
C GLY C 132 21.38 18.11 -16.17
N GLY C 133 20.73 18.10 -17.33
CA GLY C 133 20.72 16.97 -18.25
C GLY C 133 19.69 17.24 -19.32
N ASP C 134 18.91 16.22 -19.66
CA ASP C 134 17.99 16.33 -20.81
C ASP C 134 16.69 16.97 -20.35
N GLY C 135 16.61 17.32 -19.07
CA GLY C 135 15.38 17.93 -18.49
C GLY C 135 14.35 16.91 -18.01
N GLY C 136 14.60 15.59 -18.17
CA GLY C 136 13.71 14.52 -17.66
C GLY C 136 13.44 14.68 -16.17
N VAL C 137 14.43 15.03 -15.35
CA VAL C 137 14.13 15.22 -13.89
C VAL C 137 13.07 16.34 -13.72
N LEU C 138 13.20 17.44 -14.47
CA LEU C 138 12.21 18.55 -14.43
C LEU C 138 10.84 18.06 -14.87
N ARG C 139 10.79 17.22 -15.89
CA ARG C 139 9.50 16.68 -16.35
C ARG C 139 8.90 15.91 -15.16
N GLU C 140 9.69 15.06 -14.50
CA GLU C 140 9.17 14.27 -13.36
C GLU C 140 8.70 15.20 -12.22
N VAL C 141 9.48 16.21 -11.86
CA VAL C 141 9.03 17.16 -10.81
C VAL C 141 7.70 17.77 -11.24
N ALA C 142 7.56 18.21 -12.49
CA ALA C 142 6.34 18.92 -12.98
C ALA C 142 5.12 17.98 -12.99
N ARG C 143 5.28 16.65 -12.83
CA ARG C 143 4.11 15.79 -12.65
C ARG C 143 3.39 16.11 -11.32
N HIS C 144 4.07 16.63 -10.32
CA HIS C 144 3.45 16.98 -9.02
C HIS C 144 2.62 18.28 -9.18
N ALA C 145 1.30 18.21 -9.08
CA ALA C 145 0.44 19.37 -9.37
C ALA C 145 0.63 20.45 -8.29
N SER C 146 1.07 20.12 -7.08
CA SER C 146 1.27 21.13 -6.01
C SER C 146 2.46 22.04 -6.33
N ILE C 147 3.35 21.63 -7.23
CA ILE C 147 4.66 22.30 -7.41
C ILE C 147 4.40 23.72 -7.92
N GLU C 148 5.11 24.70 -7.37
CA GLU C 148 4.96 26.13 -7.73
C GLU C 148 6.25 26.68 -8.37
N GLN C 149 7.39 26.22 -7.89
CA GLN C 149 8.73 26.75 -8.20
C GLN C 149 9.71 25.56 -8.33
N ILE C 150 10.36 25.40 -9.50
CA ILE C 150 11.42 24.38 -9.70
C ILE C 150 12.72 25.12 -10.07
N ASP C 151 13.59 25.34 -9.08
CA ASP C 151 14.90 25.98 -9.32
C ASP C 151 15.80 24.86 -9.84
N MET C 152 16.66 25.17 -10.81
CA MET C 152 17.67 24.20 -11.28
C MET C 152 19.02 24.91 -11.36
N CYS C 153 20.06 24.28 -10.82
CA CYS C 153 21.45 24.79 -10.90
CA CYS C 153 21.45 24.80 -10.89
C CYS C 153 22.35 23.77 -11.58
N GLU C 154 22.98 24.18 -12.68
CA GLU C 154 23.96 23.36 -13.43
C GLU C 154 25.14 24.27 -13.75
N ILE C 155 26.35 23.83 -13.40
CA ILE C 155 27.60 24.61 -13.61
C ILE C 155 27.96 24.69 -15.10
N ASP C 156 27.66 23.67 -15.90
CA ASP C 156 28.21 23.54 -17.29
C ASP C 156 27.13 23.87 -18.30
N LYS C 157 27.09 25.09 -18.81
CA LYS C 157 26.03 25.45 -19.78
C LYS C 157 26.14 24.61 -21.07
N MET C 158 27.31 24.09 -21.47
CA MET C 158 27.39 23.22 -22.68
C MET C 158 26.54 21.95 -22.50
N VAL C 159 26.50 21.41 -21.30
CA VAL C 159 25.68 20.19 -20.99
C VAL C 159 24.23 20.55 -21.25
N VAL C 160 23.77 21.65 -20.74
CA VAL C 160 22.36 22.08 -20.93
C VAL C 160 22.13 22.35 -22.42
N ASP C 161 23.05 23.06 -23.09
CA ASP C 161 22.79 23.50 -24.48
C ASP C 161 22.70 22.26 -25.39
N VAL C 162 23.68 21.37 -25.27
CA VAL C 162 23.75 20.14 -26.08
C VAL C 162 22.50 19.29 -25.78
N SER C 163 22.12 19.19 -24.50
CA SER C 163 21.02 18.30 -24.05
C SER C 163 19.71 18.81 -24.66
N LYS C 164 19.52 20.13 -24.71
CA LYS C 164 18.32 20.78 -25.30
C LYS C 164 18.24 20.45 -26.79
N GLN C 165 19.37 20.44 -27.48
CA GLN C 165 19.45 20.24 -28.94
C GLN C 165 19.12 18.76 -29.22
N PHE C 166 19.78 17.81 -28.53
CA PHE C 166 19.79 16.39 -28.95
C PHE C 166 18.71 15.59 -28.25
N PHE C 167 18.14 16.07 -27.14
CA PHE C 167 17.02 15.34 -26.49
C PHE C 167 15.79 16.23 -26.52
N PRO C 168 15.40 16.81 -27.70
CA PRO C 168 14.34 17.84 -27.75
C PRO C 168 13.03 17.42 -27.05
N ASP C 169 12.68 16.14 -27.14
CA ASP C 169 11.37 15.59 -26.70
C ASP C 169 11.32 15.59 -25.18
N VAL C 170 12.47 15.50 -24.53
CA VAL C 170 12.52 15.51 -23.05
C VAL C 170 12.87 16.92 -22.56
N ALA C 171 13.63 17.70 -23.33
CA ALA C 171 14.13 19.02 -22.85
C ALA C 171 13.01 20.06 -22.83
N ILE C 172 11.81 19.73 -23.34
CA ILE C 172 10.58 20.53 -23.07
C ILE C 172 10.43 20.72 -21.55
N GLY C 173 10.95 19.82 -20.73
CA GLY C 173 11.03 19.96 -19.26
C GLY C 173 11.49 21.34 -18.82
N TYR C 174 12.48 21.93 -19.50
CA TYR C 174 13.02 23.28 -19.18
C TYR C 174 11.98 24.37 -19.46
N GLU C 175 10.95 24.07 -20.24
CA GLU C 175 10.06 25.13 -20.79
C GLU C 175 8.82 25.33 -19.88
N ASP C 176 8.60 24.45 -18.91
CA ASP C 176 7.53 24.61 -17.90
C ASP C 176 7.73 25.97 -17.23
N PRO C 177 6.65 26.79 -17.05
CA PRO C 177 6.77 28.15 -16.55
C PRO C 177 7.32 28.25 -15.12
N ARG C 178 7.24 27.17 -14.35
CA ARG C 178 7.70 27.15 -12.93
C ARG C 178 9.22 26.97 -12.85
N VAL C 179 9.89 26.64 -13.97
CA VAL C 179 11.35 26.36 -14.01
C VAL C 179 12.17 27.65 -14.06
N ASN C 180 13.09 27.74 -13.12
CA ASN C 180 14.15 28.77 -13.06
C ASN C 180 15.52 28.12 -13.14
N LEU C 181 16.14 28.15 -14.32
CA LEU C 181 17.48 27.57 -14.57
C LEU C 181 18.54 28.61 -14.24
N VAL C 182 19.44 28.30 -13.34
CA VAL C 182 20.65 29.09 -13.04
C VAL C 182 21.87 28.32 -13.55
N ILE C 183 22.65 28.92 -14.44
CA ILE C 183 23.98 28.36 -14.80
C ILE C 183 24.93 28.80 -13.69
N GLY C 184 25.41 27.87 -12.88
CA GLY C 184 26.41 28.17 -11.82
C GLY C 184 26.72 26.97 -10.95
N ASP C 185 27.67 27.11 -10.04
CA ASP C 185 28.03 26.11 -9.00
C ASP C 185 26.85 25.95 -8.01
N GLY C 186 26.27 24.75 -7.98
CA GLY C 186 25.19 24.36 -7.06
C GLY C 186 25.61 24.57 -5.62
N VAL C 187 26.86 24.26 -5.29
CA VAL C 187 27.40 24.37 -3.90
C VAL C 187 27.26 25.82 -3.43
N ALA C 188 27.68 26.81 -4.21
CA ALA C 188 27.52 28.25 -3.87
C ALA C 188 26.05 28.61 -3.90
N PHE C 189 25.32 28.07 -4.86
CA PHE C 189 23.87 28.31 -4.92
C PHE C 189 23.24 27.99 -3.56
N LEU C 190 23.55 26.81 -3.02
CA LEU C 190 22.89 26.34 -1.78
C LEU C 190 23.38 27.18 -0.60
N LYS C 191 24.67 27.55 -0.57
CA LYS C 191 25.18 28.44 0.52
C LYS C 191 24.32 29.69 0.60
N ASN C 192 23.92 30.24 -0.53
CA ASN C 192 23.37 31.60 -0.62
C ASN C 192 21.83 31.54 -0.60
N ALA C 193 21.26 30.34 -0.43
CA ALA C 193 19.79 30.16 -0.36
C ALA C 193 19.30 30.65 1.01
N ALA C 194 18.09 31.20 1.02
CA ALA C 194 17.37 31.59 2.26
C ALA C 194 17.12 30.33 3.12
N GLU C 195 17.32 30.44 4.44
CA GLU C 195 17.12 29.34 5.41
C GLU C 195 15.66 28.85 5.37
N GLY C 196 15.47 27.52 5.32
CA GLY C 196 14.12 26.95 5.45
C GLY C 196 13.28 27.27 4.24
N SER C 197 13.90 27.59 3.09
CA SER C 197 13.20 28.11 1.87
C SER C 197 12.72 26.98 0.94
N TYR C 198 13.17 25.74 1.10
CA TYR C 198 12.86 24.64 0.14
C TYR C 198 12.12 23.51 0.85
N ASP C 199 11.16 22.91 0.14
CA ASP C 199 10.48 21.67 0.54
C ASP C 199 11.38 20.48 0.24
N ALA C 200 12.11 20.51 -0.88
CA ALA C 200 12.88 19.36 -1.39
C ALA C 200 14.05 19.85 -2.21
N VAL C 201 15.19 19.22 -2.01
CA VAL C 201 16.36 19.35 -2.94
C VAL C 201 16.63 17.99 -3.58
N ILE C 202 16.82 17.95 -4.92
CA ILE C 202 17.19 16.73 -5.68
C ILE C 202 18.60 16.94 -6.26
N VAL C 203 19.56 16.11 -5.88
CA VAL C 203 20.96 16.19 -6.34
C VAL C 203 21.19 15.15 -7.42
N ASP C 204 20.89 15.53 -8.67
CA ASP C 204 21.15 14.70 -9.86
C ASP C 204 22.54 15.02 -10.42
N SER C 205 23.56 14.52 -9.73
CA SER C 205 24.96 14.79 -10.02
C SER C 205 25.57 13.64 -10.82
N SER C 206 26.66 14.02 -11.45
CA SER C 206 27.67 13.10 -11.97
C SER C 206 28.49 12.59 -10.78
N ASP C 207 29.59 11.90 -11.04
CA ASP C 207 30.31 11.09 -10.02
C ASP C 207 31.24 12.01 -9.21
N PRO C 208 31.82 11.55 -8.08
CA PRO C 208 32.69 12.41 -7.28
C PRO C 208 33.96 12.93 -7.98
N ILE C 209 34.44 12.22 -8.99
CA ILE C 209 35.63 12.59 -9.82
C ILE C 209 35.12 13.49 -10.96
N GLY C 210 35.36 14.78 -10.83
CA GLY C 210 34.88 15.76 -11.79
C GLY C 210 34.23 16.90 -11.02
N PRO C 211 33.50 17.75 -11.74
CA PRO C 211 32.90 18.96 -11.20
C PRO C 211 31.90 18.74 -10.05
N ALA C 212 31.35 17.54 -9.87
CA ALA C 212 30.37 17.25 -8.78
C ALA C 212 31.08 16.95 -7.45
N LYS C 213 32.42 16.90 -7.44
CA LYS C 213 33.19 16.45 -6.24
C LYS C 213 32.56 16.95 -4.92
N GLU C 214 32.27 18.23 -4.79
CA GLU C 214 31.86 18.87 -3.50
C GLU C 214 30.41 18.54 -3.09
N LEU C 215 29.58 18.09 -4.04
CA LEU C 215 28.19 17.64 -3.82
C LEU C 215 28.16 16.38 -2.94
N PHE C 216 29.27 15.66 -2.82
CA PHE C 216 29.34 14.40 -2.03
C PHE C 216 29.91 14.63 -0.61
N GLU C 217 30.24 15.88 -0.26
CA GLU C 217 31.04 16.23 0.97
C GLU C 217 30.15 16.93 2.00
N LYS C 218 30.57 16.83 3.24
CA LYS C 218 29.77 17.23 4.42
C LYS C 218 29.26 18.67 4.30
N PRO C 219 30.10 19.69 4.02
CA PRO C 219 29.61 21.07 4.07
C PRO C 219 28.45 21.34 3.10
N PHE C 220 28.45 20.65 1.97
CA PHE C 220 27.30 20.67 1.02
C PHE C 220 26.05 20.16 1.71
N PHE C 221 26.16 19.05 2.43
CA PHE C 221 24.97 18.44 3.08
C PHE C 221 24.46 19.44 4.13
N GLN C 222 25.40 20.09 4.83
CA GLN C 222 25.09 21.11 5.87
CA GLN C 222 25.08 21.10 5.88
C GLN C 222 24.26 22.23 5.24
N SER C 223 24.63 22.67 4.05
CA SER C 223 23.95 23.80 3.37
C SER C 223 22.58 23.34 2.85
N VAL C 224 22.44 22.06 2.49
CA VAL C 224 21.09 21.49 2.16
C VAL C 224 20.18 21.53 3.39
N ALA C 225 20.65 21.03 4.52
CA ALA C 225 19.86 21.05 5.77
C ALA C 225 19.37 22.48 6.08
N ARG C 226 20.21 23.50 5.87
CA ARG C 226 19.86 24.89 6.23
C ARG C 226 18.81 25.39 5.23
N ALA C 227 18.97 25.07 3.95
CA ALA C 227 18.03 25.53 2.90
C ALA C 227 16.66 24.88 3.07
N LEU C 228 16.54 23.68 3.66
CA LEU C 228 15.23 22.98 3.73
C LEU C 228 14.43 23.54 4.90
N ARG C 229 13.14 23.73 4.66
CA ARG C 229 12.11 23.88 5.72
C ARG C 229 12.24 22.73 6.73
N PRO C 230 11.74 22.92 7.97
CA PRO C 230 11.59 21.80 8.91
C PRO C 230 10.80 20.63 8.32
N GLY C 231 11.37 19.42 8.38
CA GLY C 231 10.74 18.25 7.75
C GLY C 231 10.92 18.22 6.23
N GLY C 232 11.68 19.15 5.67
CA GLY C 232 12.04 19.13 4.23
C GLY C 232 12.94 17.94 3.92
N VAL C 233 13.10 17.63 2.62
CA VAL C 233 13.75 16.35 2.25
C VAL C 233 14.83 16.64 1.21
N VAL C 234 15.89 15.84 1.27
CA VAL C 234 16.88 15.77 0.17
C VAL C 234 16.91 14.35 -0.41
N CYS C 235 17.14 14.27 -1.72
CA CYS C 235 17.46 12.97 -2.34
C CYS C 235 18.70 13.20 -3.20
N THR C 236 19.76 12.45 -2.94
CA THR C 236 21.00 12.62 -3.74
C THR C 236 21.31 11.35 -4.48
N GLN C 237 22.02 11.47 -5.60
CA GLN C 237 22.63 10.33 -6.33
C GLN C 237 23.75 9.80 -5.42
N ALA C 238 23.64 8.53 -5.00
CA ALA C 238 24.54 7.90 -3.98
C ALA C 238 25.10 6.56 -4.43
N GLU C 239 25.42 6.40 -5.72
CA GLU C 239 26.40 5.44 -6.27
C GLU C 239 25.94 3.99 -6.08
N SER C 240 26.82 3.02 -6.24
CA SER C 240 26.44 1.58 -6.32
C SER C 240 26.85 0.85 -5.05
N LEU C 241 25.93 0.17 -4.38
CA LEU C 241 26.27 -0.72 -3.26
C LEU C 241 27.28 -1.79 -3.63
N TRP C 242 27.41 -2.19 -4.90
CA TRP C 242 28.31 -3.29 -5.26
C TRP C 242 29.76 -2.76 -5.35
N LEU C 243 29.91 -1.49 -5.73
CA LEU C 243 31.20 -0.88 -6.17
C LEU C 243 31.75 0.10 -5.13
N HIS C 244 30.87 0.70 -4.32
CA HIS C 244 31.18 1.98 -3.62
C HIS C 244 30.80 1.98 -2.13
N MET C 245 30.74 0.82 -1.48
CA MET C 245 30.27 0.77 -0.07
C MET C 245 31.08 1.75 0.77
N ASP C 246 32.35 1.96 0.50
CA ASP C 246 33.20 2.74 1.43
C ASP C 246 32.80 4.21 1.27
N ILE C 247 32.53 4.62 0.06
CA ILE C 247 32.03 5.99 -0.19
C ILE C 247 30.64 6.16 0.44
N ILE C 248 29.77 5.15 0.27
CA ILE C 248 28.35 5.29 0.70
C ILE C 248 28.30 5.35 2.24
N GLU C 249 29.02 4.46 2.92
CA GLU C 249 28.96 4.35 4.40
C GLU C 249 29.33 5.72 4.96
N ASP C 250 30.34 6.29 4.37
CA ASP C 250 30.86 7.60 4.79
C ASP C 250 29.79 8.67 4.53
N ILE C 251 29.10 8.66 3.39
CA ILE C 251 27.98 9.63 3.15
C ILE C 251 26.85 9.40 4.17
N VAL C 252 26.46 8.14 4.40
CA VAL C 252 25.36 7.81 5.34
C VAL C 252 25.71 8.42 6.71
N SER C 253 26.92 8.12 7.21
CA SER C 253 27.41 8.63 8.51
C SER C 253 27.29 10.17 8.58
N ASN C 254 27.85 10.90 7.62
CA ASN C 254 27.76 12.38 7.55
C ASN C 254 26.28 12.78 7.57
N CYS C 255 25.41 12.08 6.86
CA CYS C 255 23.99 12.51 6.82
C CYS C 255 23.37 12.25 8.19
N ARG C 256 23.75 11.19 8.89
CA ARG C 256 23.14 10.88 10.22
C ARG C 256 23.54 12.00 11.22
N GLU C 257 24.78 12.48 11.12
CA GLU C 257 25.31 13.61 11.94
C GLU C 257 24.44 14.85 11.70
N ILE C 258 24.16 15.16 10.44
CA ILE C 258 23.57 16.46 10.03
C ILE C 258 22.05 16.44 10.12
N PHE C 259 21.39 15.40 9.60
CA PHE C 259 19.92 15.37 9.45
C PHE C 259 19.35 14.60 10.63
N LYS C 260 18.48 15.23 11.40
CA LYS C 260 17.98 14.65 12.66
C LYS C 260 16.58 14.08 12.44
N GLY C 261 16.01 14.25 11.25
CA GLY C 261 14.80 13.51 10.85
C GLY C 261 15.19 12.14 10.35
N SER C 262 14.62 11.72 9.22
CA SER C 262 14.83 10.38 8.66
C SER C 262 16.17 10.39 7.91
N VAL C 263 16.94 9.30 7.96
CA VAL C 263 18.09 9.06 7.03
C VAL C 263 17.95 7.63 6.50
N ASN C 264 17.72 7.50 5.18
CA ASN C 264 17.45 6.19 4.55
C ASN C 264 18.26 6.10 3.24
N TYR C 265 18.64 4.91 2.84
CA TYR C 265 19.36 4.64 1.56
C TYR C 265 18.46 3.70 0.75
N ALA C 266 18.14 4.11 -0.49
CA ALA C 266 17.32 3.32 -1.43
C ALA C 266 18.16 3.00 -2.66
N TRP C 267 17.75 1.98 -3.41
CA TRP C 267 18.52 1.64 -4.64
C TRP C 267 17.51 1.27 -5.73
N THR C 268 17.94 1.30 -6.98
CA THR C 268 17.10 0.91 -8.11
C THR C 268 18.01 0.37 -9.17
N SER C 269 17.35 -0.28 -10.11
CA SER C 269 17.91 -0.88 -11.32
C SER C 269 18.09 0.25 -12.32
N VAL C 270 19.33 0.43 -12.86
CA VAL C 270 19.60 1.23 -14.09
C VAL C 270 20.67 0.51 -14.87
N PRO C 271 20.28 -0.25 -15.92
CA PRO C 271 21.25 -1.09 -16.61
C PRO C 271 22.51 -0.34 -17.03
N THR C 272 22.38 0.94 -17.46
CA THR C 272 23.54 1.64 -18.04
C THR C 272 24.27 2.46 -17.00
N TYR C 273 24.05 2.24 -15.71
CA TYR C 273 25.00 2.72 -14.69
C TYR C 273 25.86 1.56 -14.20
N PRO C 274 27.11 1.82 -13.81
CA PRO C 274 28.04 0.75 -13.43
C PRO C 274 27.45 -0.19 -12.37
N SER C 275 27.63 -1.51 -12.54
CA SER C 275 27.01 -2.61 -11.71
C SER C 275 25.50 -2.77 -11.94
N GLY C 276 24.84 -1.90 -12.69
CA GLY C 276 23.42 -2.05 -13.05
C GLY C 276 22.50 -1.50 -11.98
N VAL C 277 23.06 -0.97 -10.89
CA VAL C 277 22.22 -0.32 -9.86
C VAL C 277 22.83 1.04 -9.50
N ILE C 278 21.98 1.93 -9.03
CA ILE C 278 22.44 3.18 -8.37
C ILE C 278 21.54 3.39 -7.16
N GLY C 279 22.10 4.13 -6.21
CA GLY C 279 21.45 4.40 -4.93
C GLY C 279 21.19 5.87 -4.68
N PHE C 280 20.42 6.13 -3.61
CA PHE C 280 19.91 7.46 -3.24
C PHE C 280 19.97 7.62 -1.73
N MET C 281 20.47 8.74 -1.25
CA MET C 281 20.36 9.17 0.16
C MET C 281 19.02 9.87 0.21
N LEU C 282 18.14 9.45 1.09
CA LEU C 282 16.92 10.22 1.46
C LEU C 282 17.14 10.70 2.91
N CYS C 283 17.05 11.99 3.12
CA CYS C 283 17.16 12.58 4.48
C CYS C 283 16.08 13.65 4.64
N SER C 284 15.61 13.79 5.88
CA SER C 284 14.62 14.81 6.29
C SER C 284 15.26 15.57 7.45
N THR C 285 14.96 16.86 7.51
CA THR C 285 15.39 17.69 8.66
C THR C 285 14.39 17.54 9.82
N GLU C 286 14.87 17.84 11.03
CA GLU C 286 14.05 18.04 12.26
C GLU C 286 12.79 18.83 11.90
N GLY C 287 11.64 18.30 12.28
CA GLY C 287 10.32 18.83 11.89
C GLY C 287 9.29 17.72 11.85
N PRO C 288 8.17 17.93 11.15
CA PRO C 288 7.22 16.87 10.90
C PRO C 288 7.91 15.56 10.46
N ASP C 289 7.47 14.40 10.98
CA ASP C 289 8.10 13.08 10.64
C ASP C 289 7.91 12.79 9.14
N VAL C 290 8.89 12.17 8.52
CA VAL C 290 8.82 11.71 7.11
C VAL C 290 9.06 10.20 7.12
N ASP C 291 8.15 9.43 6.54
CA ASP C 291 8.38 7.98 6.44
C ASP C 291 8.78 7.72 4.99
N PHE C 292 10.07 7.63 4.70
CA PHE C 292 10.48 7.49 3.28
C PHE C 292 10.04 6.14 2.72
N LYS C 293 9.88 5.15 3.60
CA LYS C 293 9.66 3.76 3.15
C LYS C 293 8.22 3.57 2.72
N HIS C 294 7.30 4.38 3.20
CA HIS C 294 5.85 4.20 2.89
C HIS C 294 5.31 5.50 2.31
N PRO C 295 5.16 5.62 0.98
CA PRO C 295 4.87 6.91 0.38
C PRO C 295 3.49 7.43 0.85
N LEU C 296 3.45 8.66 1.28
CA LEU C 296 2.23 9.44 1.55
C LEU C 296 1.31 9.49 0.32
N ASN C 297 1.88 9.80 -0.86
CA ASN C 297 1.12 10.17 -2.07
C ASN C 297 1.82 9.68 -3.33
N PRO C 298 1.68 8.38 -3.70
CA PRO C 298 2.33 7.88 -4.90
C PRO C 298 1.73 8.61 -6.12
N ILE C 299 2.59 9.03 -7.06
CA ILE C 299 2.21 9.83 -8.27
C ILE C 299 1.34 8.97 -9.17
N ASP C 300 1.22 7.69 -8.80
CA ASP C 300 0.42 6.62 -9.45
C ASP C 300 0.15 6.93 -10.93
N GLY C 308 1.25 10.85 -19.72
CA GLY C 308 1.70 9.47 -19.98
C GLY C 308 2.02 8.76 -18.65
N PRO C 309 1.78 7.43 -18.54
CA PRO C 309 1.90 6.77 -17.25
C PRO C 309 3.36 6.78 -16.79
N LEU C 310 3.57 6.60 -15.51
CA LEU C 310 4.92 6.32 -15.02
C LEU C 310 5.36 4.99 -15.65
N LYS C 311 6.62 4.96 -16.11
CA LYS C 311 7.21 3.76 -16.72
C LYS C 311 7.77 2.80 -15.67
N PHE C 312 8.19 3.31 -14.51
CA PHE C 312 9.00 2.52 -13.56
C PHE C 312 8.43 2.62 -12.15
N TYR C 313 8.36 3.83 -11.62
CA TYR C 313 7.90 4.08 -10.25
C TYR C 313 6.48 3.54 -10.07
N ASN C 314 6.25 2.98 -8.89
CA ASN C 314 4.88 2.74 -8.35
C ASN C 314 5.00 2.69 -6.81
N ALA C 315 3.93 2.54 -6.06
CA ALA C 315 4.01 2.60 -4.59
C ALA C 315 4.78 1.38 -4.05
N GLU C 316 4.55 0.20 -4.62
CA GLU C 316 5.21 -1.03 -4.12
C GLU C 316 6.74 -0.95 -4.31
N ILE C 317 7.18 -0.45 -5.46
CA ILE C 317 8.65 -0.40 -5.73
C ILE C 317 9.29 0.74 -4.90
N HIS C 318 8.55 1.77 -4.60
CA HIS C 318 8.99 2.85 -3.64
C HIS C 318 9.45 2.18 -2.35
N SER C 319 8.58 1.36 -1.75
CA SER C 319 8.91 0.61 -0.50
C SER C 319 10.08 -0.38 -0.73
N ALA C 320 10.01 -1.19 -1.78
CA ALA C 320 10.98 -2.21 -2.16
C ALA C 320 12.38 -1.62 -2.27
N ALA C 321 12.48 -0.36 -2.76
CA ALA C 321 13.77 0.30 -3.06
C ALA C 321 14.61 0.42 -1.76
N PHE C 322 14.00 0.31 -0.56
CA PHE C 322 14.74 0.49 0.70
C PHE C 322 15.14 -0.87 1.28
N CYS C 323 14.81 -1.96 0.60
CA CYS C 323 15.13 -3.34 1.03
C CYS C 323 16.49 -3.79 0.44
N LEU C 324 17.55 -3.58 1.21
CA LEU C 324 18.93 -3.78 0.75
C LEU C 324 19.39 -5.23 0.98
N PRO C 325 20.38 -5.67 0.17
CA PRO C 325 20.98 -6.98 0.32
C PRO C 325 21.67 -6.97 1.69
N SER C 326 21.83 -8.15 2.26
CA SER C 326 22.41 -8.29 3.61
C SER C 326 23.79 -7.63 3.72
N PHE C 327 24.70 -7.77 2.77
CA PHE C 327 26.05 -7.14 2.90
C PHE C 327 25.90 -5.61 3.09
N ALA C 328 24.90 -4.93 2.48
CA ALA C 328 24.70 -3.45 2.52
C ALA C 328 23.88 -3.03 3.75
N LYS C 329 22.81 -3.76 4.06
CA LYS C 329 21.90 -3.55 5.22
C LYS C 329 22.77 -3.51 6.49
N LYS C 330 23.71 -4.45 6.63
CA LYS C 330 24.58 -4.54 7.82
C LYS C 330 25.35 -3.23 8.02
N VAL C 331 25.81 -2.61 6.94
CA VAL C 331 26.61 -1.36 7.03
C VAL C 331 25.66 -0.15 7.15
N ILE C 332 24.64 -0.04 6.33
CA ILE C 332 23.87 1.23 6.30
C ILE C 332 23.04 1.44 7.58
N GLU C 333 22.53 0.41 8.22
CA GLU C 333 21.48 0.58 9.26
C GLU C 333 22.13 1.10 10.56
N SER D 44 35.86 -11.33 -29.90
CA SER D 44 35.45 -11.78 -28.54
C SER D 44 35.61 -10.66 -27.51
N THR D 45 36.07 -9.48 -27.97
CA THR D 45 36.23 -8.29 -27.12
C THR D 45 36.04 -6.97 -27.85
N VAL D 46 35.63 -5.96 -27.08
CA VAL D 46 35.58 -4.57 -27.58
C VAL D 46 36.68 -3.76 -26.90
N ILE D 47 37.49 -4.37 -26.03
CA ILE D 47 38.63 -3.69 -25.36
C ILE D 47 39.84 -4.62 -25.41
N PRO D 48 41.00 -4.19 -25.94
CA PRO D 48 42.13 -5.10 -26.14
C PRO D 48 42.49 -5.74 -24.80
N GLY D 49 42.53 -7.07 -24.76
CA GLY D 49 42.95 -7.83 -23.57
C GLY D 49 41.81 -8.09 -22.60
N TRP D 50 40.58 -7.69 -22.98
CA TRP D 50 39.42 -7.85 -22.06
C TRP D 50 38.50 -8.91 -22.63
N PHE D 51 37.62 -9.44 -21.79
CA PHE D 51 36.52 -10.33 -22.20
C PHE D 51 35.28 -9.45 -22.32
N SER D 52 34.55 -9.57 -23.42
CA SER D 52 33.29 -8.84 -23.63
C SER D 52 32.20 -9.86 -23.90
N GLU D 53 31.14 -9.79 -23.12
CA GLU D 53 30.03 -10.74 -23.21
C GLU D 53 29.06 -10.28 -24.30
N MET D 54 29.10 -10.93 -25.47
CA MET D 54 28.39 -10.55 -26.72
CA MET D 54 28.28 -10.48 -26.61
C MET D 54 27.31 -11.60 -26.99
N SER D 55 26.07 -11.20 -27.31
CA SER D 55 24.97 -12.13 -27.68
C SER D 55 23.87 -11.38 -28.40
N PRO D 56 23.21 -12.04 -29.38
CA PRO D 56 22.03 -11.48 -30.02
C PRO D 56 20.86 -11.40 -29.03
N MET D 57 20.97 -12.11 -27.90
CA MET D 57 19.94 -11.94 -26.83
C MET D 57 20.08 -10.62 -26.07
N TRP D 58 21.14 -9.82 -26.28
CA TRP D 58 21.30 -8.46 -25.73
C TRP D 58 22.11 -7.64 -26.72
N PRO D 59 21.47 -7.30 -27.84
CA PRO D 59 22.19 -6.67 -28.92
C PRO D 59 22.60 -5.25 -28.56
N GLY D 60 23.75 -4.84 -29.10
CA GLY D 60 24.19 -3.44 -28.99
C GLY D 60 24.73 -3.11 -27.60
N GLU D 61 24.90 -4.11 -26.73
CA GLU D 61 25.49 -3.89 -25.39
C GLU D 61 26.39 -5.05 -24.97
N ALA D 62 27.38 -4.79 -24.13
CA ALA D 62 28.21 -5.87 -23.61
C ALA D 62 28.84 -5.41 -22.31
N HIS D 63 28.85 -6.28 -21.33
CA HIS D 63 29.68 -6.10 -20.12
C HIS D 63 31.06 -6.67 -20.39
N SER D 64 32.09 -5.91 -20.08
CA SER D 64 33.49 -6.36 -20.30
C SER D 64 34.17 -6.51 -18.95
N LEU D 65 35.06 -7.47 -18.86
CA LEU D 65 35.88 -7.73 -17.65
C LEU D 65 37.32 -7.82 -18.06
N LYS D 66 38.18 -7.21 -17.30
CA LYS D 66 39.62 -7.34 -17.51
C LYS D 66 40.04 -8.72 -17.07
N VAL D 67 40.78 -9.40 -17.96
CA VAL D 67 41.27 -10.79 -17.77
C VAL D 67 42.65 -10.71 -17.16
N GLU D 68 42.84 -11.31 -16.00
CA GLU D 68 44.19 -11.52 -15.41
C GLU D 68 44.86 -12.76 -16.05
N LYS D 69 44.15 -13.87 -16.18
CA LYS D 69 44.70 -15.14 -16.72
C LYS D 69 43.55 -16.04 -17.16
N VAL D 70 43.60 -16.66 -18.33
CA VAL D 70 42.68 -17.76 -18.69
C VAL D 70 43.13 -19.01 -17.93
N LEU D 71 42.22 -19.67 -17.23
CA LEU D 71 42.55 -20.82 -16.33
C LEU D 71 42.20 -22.12 -17.07
N PHE D 72 41.24 -22.06 -17.98
CA PHE D 72 40.77 -23.26 -18.70
C PHE D 72 40.10 -22.79 -19.97
N GLN D 73 40.37 -23.47 -21.06
CA GLN D 73 39.58 -23.36 -22.30
C GLN D 73 39.34 -24.77 -22.83
N GLY D 74 38.08 -25.12 -22.95
CA GLY D 74 37.69 -26.48 -23.34
C GLY D 74 36.42 -26.46 -24.18
N LYS D 75 36.19 -27.56 -24.87
CA LYS D 75 34.96 -27.77 -25.63
C LYS D 75 34.44 -29.14 -25.23
N SER D 76 33.22 -29.22 -24.71
CA SER D 76 32.51 -30.50 -24.44
C SER D 76 31.75 -30.92 -25.68
N ASP D 77 31.00 -32.00 -25.59
CA ASP D 77 30.02 -32.37 -26.63
C ASP D 77 28.88 -31.33 -26.72
N TYR D 78 28.69 -30.47 -25.70
CA TYR D 78 27.54 -29.52 -25.60
C TYR D 78 27.96 -28.06 -25.84
N GLN D 79 29.11 -27.61 -25.34
CA GLN D 79 29.36 -26.14 -25.33
C GLN D 79 30.83 -25.83 -25.09
N ASP D 80 31.16 -24.59 -25.45
CA ASP D 80 32.49 -23.99 -25.20
C ASP D 80 32.58 -23.59 -23.73
N VAL D 81 33.69 -23.95 -23.09
CA VAL D 81 33.86 -23.76 -21.64
C VAL D 81 35.13 -22.95 -21.40
N ILE D 82 34.99 -21.81 -20.76
CA ILE D 82 36.15 -20.95 -20.37
C ILE D 82 36.00 -20.63 -18.89
N VAL D 83 37.12 -20.77 -18.18
CA VAL D 83 37.30 -20.23 -16.82
C VAL D 83 38.45 -19.24 -16.91
N PHE D 84 38.22 -18.00 -16.46
CA PHE D 84 39.33 -17.02 -16.33
C PHE D 84 39.32 -16.39 -14.96
N GLN D 85 40.53 -16.00 -14.52
CA GLN D 85 40.70 -15.13 -13.34
C GLN D 85 40.53 -13.72 -13.86
N SER D 86 39.46 -13.03 -13.47
CA SER D 86 39.24 -11.62 -13.81
C SER D 86 40.11 -10.77 -12.89
N ALA D 87 40.34 -9.51 -13.28
CA ALA D 87 41.07 -8.53 -12.44
C ALA D 87 40.25 -8.27 -11.17
N THR D 88 38.94 -8.01 -11.26
CA THR D 88 38.21 -7.47 -10.09
C THR D 88 36.93 -8.26 -9.78
N TYR D 89 36.54 -9.35 -10.49
CA TYR D 89 35.32 -10.12 -10.14
C TYR D 89 35.67 -11.52 -9.68
N GLY D 90 36.94 -11.81 -9.37
CA GLY D 90 37.41 -13.16 -9.01
C GLY D 90 37.35 -14.11 -10.21
N LYS D 91 37.14 -15.40 -10.01
CA LYS D 91 37.06 -16.35 -11.15
C LYS D 91 35.69 -16.24 -11.80
N VAL D 92 35.65 -16.55 -13.09
CA VAL D 92 34.46 -16.38 -13.95
C VAL D 92 34.31 -17.67 -14.74
N LEU D 93 33.06 -18.15 -14.83
CA LEU D 93 32.70 -19.28 -15.70
C LEU D 93 31.95 -18.76 -16.92
N VAL D 94 32.41 -19.14 -18.11
CA VAL D 94 31.73 -18.73 -19.36
C VAL D 94 31.31 -19.98 -20.16
N LEU D 95 30.10 -20.02 -20.68
CA LEU D 95 29.61 -21.15 -21.51
C LEU D 95 29.00 -20.55 -22.78
N ASP D 96 29.52 -20.93 -23.94
CA ASP D 96 29.17 -20.37 -25.28
C ASP D 96 29.18 -18.85 -25.21
N GLY D 97 30.16 -18.27 -24.52
CA GLY D 97 30.43 -16.83 -24.59
C GLY D 97 29.58 -16.06 -23.57
N VAL D 98 28.84 -16.76 -22.74
CA VAL D 98 27.89 -16.11 -21.77
C VAL D 98 28.37 -16.36 -20.35
N ILE D 99 28.47 -15.28 -19.55
CA ILE D 99 28.89 -15.37 -18.13
C ILE D 99 27.82 -16.17 -17.39
N GLN D 100 28.25 -17.23 -16.76
CA GLN D 100 27.35 -18.05 -15.92
C GLN D 100 27.42 -17.63 -14.46
N LEU D 101 28.59 -17.22 -14.02
CA LEU D 101 28.78 -16.67 -12.66
C LEU D 101 30.13 -15.99 -12.54
N THR D 102 30.28 -15.19 -11.47
CA THR D 102 31.59 -14.68 -10.98
C THR D 102 31.60 -14.88 -9.47
N GLU D 103 32.78 -15.05 -8.92
CA GLU D 103 32.92 -15.20 -7.46
C GLU D 103 32.39 -13.98 -6.74
N ARG D 104 32.53 -12.77 -7.28
CA ARG D 104 32.18 -11.52 -6.58
C ARG D 104 30.65 -11.39 -6.43
N ASP D 105 29.82 -11.78 -7.38
CA ASP D 105 28.37 -11.50 -7.25
C ASP D 105 27.48 -12.76 -7.31
N GLU D 106 28.04 -13.96 -7.35
CA GLU D 106 27.21 -15.18 -7.51
C GLU D 106 26.29 -15.30 -6.31
N CYS D 107 26.61 -14.72 -5.17
CA CYS D 107 25.73 -14.80 -4.00
C CYS D 107 24.33 -14.29 -4.34
N ALA D 108 24.20 -13.27 -5.16
CA ALA D 108 22.86 -12.67 -5.40
C ALA D 108 21.98 -13.72 -6.10
N TYR D 109 22.46 -14.29 -7.19
CA TYR D 109 21.71 -15.30 -7.96
C TYR D 109 21.44 -16.56 -7.13
N GLN D 110 22.48 -17.20 -6.60
CA GLN D 110 22.38 -18.52 -5.93
C GLN D 110 21.50 -18.42 -4.69
N GLU D 111 21.60 -17.35 -3.91
CA GLU D 111 20.75 -17.22 -2.70
C GLU D 111 19.29 -16.96 -3.11
N MET D 112 19.04 -16.11 -4.09
CA MET D 112 17.64 -15.74 -4.42
C MET D 112 16.99 -16.94 -5.13
N ILE D 113 17.68 -17.56 -6.09
CA ILE D 113 17.04 -18.70 -6.84
C ILE D 113 16.69 -19.84 -5.86
N THR D 114 17.43 -20.03 -4.76
CA THR D 114 17.19 -21.13 -3.81
CA THR D 114 17.20 -21.13 -3.79
C THR D 114 16.18 -20.74 -2.72
N HIS D 115 16.39 -19.63 -2.05
CA HIS D 115 15.62 -19.29 -0.83
C HIS D 115 14.26 -18.67 -1.20
N LEU D 116 14.08 -18.07 -2.37
CA LEU D 116 12.71 -17.61 -2.78
C LEU D 116 11.75 -18.79 -2.76
N PRO D 117 12.07 -19.92 -3.46
CA PRO D 117 11.21 -21.11 -3.39
C PRO D 117 11.24 -21.78 -2.03
N LEU D 118 12.41 -22.06 -1.48
CA LEU D 118 12.45 -23.02 -0.35
C LEU D 118 11.97 -22.34 0.92
N CYS D 119 12.10 -21.03 1.02
CA CYS D 119 11.59 -20.32 2.23
C CYS D 119 10.10 -20.06 2.08
N SER D 120 9.48 -20.44 0.98
CA SER D 120 8.02 -20.22 0.79
C SER D 120 7.20 -21.46 1.11
N ILE D 121 7.81 -22.60 1.39
CA ILE D 121 7.07 -23.86 1.67
C ILE D 121 7.61 -24.43 2.96
N PRO D 122 6.76 -25.14 3.69
CA PRO D 122 7.17 -25.73 4.95
C PRO D 122 7.98 -27.03 4.78
N ASN D 123 9.04 -27.16 5.57
CA ASN D 123 9.76 -28.44 5.76
C ASN D 123 10.08 -29.12 4.41
N PRO D 124 10.70 -28.44 3.44
CA PRO D 124 11.03 -29.10 2.18
C PRO D 124 11.90 -30.35 2.41
N LYS D 125 11.55 -31.48 1.79
CA LYS D 125 12.37 -32.71 2.01
C LYS D 125 13.08 -33.14 0.74
N LYS D 126 12.42 -33.13 -0.41
CA LYS D 126 13.00 -33.69 -1.64
C LYS D 126 12.98 -32.63 -2.75
N VAL D 127 14.16 -32.28 -3.23
CA VAL D 127 14.36 -31.10 -4.10
C VAL D 127 15.19 -31.54 -5.30
N LEU D 128 14.87 -31.02 -6.50
CA LEU D 128 15.55 -31.30 -7.78
C LEU D 128 16.14 -30.00 -8.30
N VAL D 129 17.45 -29.99 -8.62
CA VAL D 129 18.12 -28.86 -9.32
C VAL D 129 18.37 -29.31 -10.75
N ILE D 130 17.83 -28.57 -11.71
CA ILE D 130 18.18 -28.74 -13.15
C ILE D 130 19.29 -27.75 -13.51
N GLY D 131 20.44 -28.22 -14.01
CA GLY D 131 21.54 -27.30 -14.38
C GLY D 131 22.60 -27.25 -13.31
N GLY D 132 23.86 -27.38 -13.74
CA GLY D 132 24.96 -27.87 -12.89
C GLY D 132 25.52 -26.74 -12.10
N GLY D 133 26.15 -25.81 -12.82
CA GLY D 133 26.93 -24.68 -12.32
C GLY D 133 28.15 -25.16 -11.56
N ASP D 134 28.75 -24.23 -10.80
CA ASP D 134 29.78 -24.45 -9.77
C ASP D 134 29.21 -25.19 -8.56
N GLY D 135 27.97 -25.73 -8.60
CA GLY D 135 27.34 -26.33 -7.40
C GLY D 135 26.91 -25.28 -6.35
N GLY D 136 26.80 -24.02 -6.79
CA GLY D 136 26.45 -22.88 -5.92
C GLY D 136 25.00 -22.97 -5.45
N VAL D 137 24.07 -23.33 -6.35
CA VAL D 137 22.65 -23.59 -5.96
C VAL D 137 22.58 -24.77 -4.97
N LEU D 138 23.29 -25.88 -5.23
CA LEU D 138 23.36 -27.05 -4.29
C LEU D 138 23.73 -26.60 -2.88
N ARG D 139 24.77 -25.80 -2.77
CA ARG D 139 25.31 -25.31 -1.47
C ARG D 139 24.24 -24.47 -0.74
N GLU D 140 23.53 -23.60 -1.46
CA GLU D 140 22.41 -22.89 -0.80
C GLU D 140 21.23 -23.83 -0.50
N VAL D 141 20.91 -24.80 -1.37
CA VAL D 141 19.81 -25.78 -1.08
C VAL D 141 20.14 -26.48 0.23
N ALA D 142 21.43 -26.85 0.37
CA ALA D 142 22.00 -27.64 1.48
C ALA D 142 21.89 -26.86 2.78
N ARG D 143 21.79 -25.55 2.70
CA ARG D 143 21.60 -24.70 3.90
C ARG D 143 20.30 -25.09 4.61
N HIS D 144 19.29 -25.64 3.90
CA HIS D 144 17.99 -26.10 4.50
C HIS D 144 18.14 -27.49 5.15
N ALA D 145 18.12 -27.53 6.48
CA ALA D 145 18.33 -28.78 7.27
C ALA D 145 17.20 -29.77 7.00
N SER D 146 16.01 -29.26 6.76
CA SER D 146 14.81 -30.11 6.56
C SER D 146 15.06 -30.97 5.33
N ILE D 147 15.89 -30.54 4.38
CA ILE D 147 16.13 -31.32 3.13
C ILE D 147 16.78 -32.66 3.47
N GLU D 148 16.28 -33.72 2.84
CA GLU D 148 16.81 -35.09 3.01
C GLU D 148 17.50 -35.52 1.72
N GLN D 149 17.05 -34.99 0.60
CA GLN D 149 17.46 -35.51 -0.73
C GLN D 149 17.52 -34.33 -1.72
N ILE D 150 18.69 -34.17 -2.36
CA ILE D 150 18.96 -33.12 -3.39
C ILE D 150 19.36 -33.80 -4.68
N ASP D 151 18.41 -34.02 -5.61
CA ASP D 151 18.73 -34.59 -6.93
C ASP D 151 19.16 -33.43 -7.81
N MET D 152 20.23 -33.65 -8.55
CA MET D 152 20.69 -32.64 -9.51
C MET D 152 20.93 -33.36 -10.83
N CYS D 153 20.47 -32.74 -11.90
CA CYS D 153 20.70 -33.30 -13.24
C CYS D 153 21.35 -32.21 -14.09
N GLU D 154 22.64 -32.40 -14.42
CA GLU D 154 23.42 -31.55 -15.33
C GLU D 154 23.89 -32.41 -16.53
N ILE D 155 23.60 -31.96 -17.74
CA ILE D 155 23.90 -32.73 -18.97
C ILE D 155 25.42 -32.77 -19.22
N ASP D 156 26.16 -31.73 -18.84
CA ASP D 156 27.57 -31.56 -19.26
C ASP D 156 28.54 -31.81 -18.10
N LYS D 157 29.14 -33.01 -18.06
CA LYS D 157 30.08 -33.36 -16.96
C LYS D 157 31.26 -32.37 -16.95
N MET D 158 31.62 -31.76 -18.08
CA MET D 158 32.76 -30.80 -18.10
C MET D 158 32.49 -29.56 -17.22
N VAL D 159 31.24 -29.04 -17.19
CA VAL D 159 30.88 -27.91 -16.29
C VAL D 159 31.17 -28.33 -14.84
N VAL D 160 30.79 -29.56 -14.45
CA VAL D 160 30.94 -30.02 -13.05
C VAL D 160 32.44 -30.16 -12.72
N ASP D 161 33.22 -30.74 -13.62
CA ASP D 161 34.66 -31.05 -13.45
C ASP D 161 35.44 -29.74 -13.34
N VAL D 162 35.18 -28.82 -14.25
CA VAL D 162 35.80 -27.46 -14.28
C VAL D 162 35.49 -26.74 -12.98
N SER D 163 34.23 -26.80 -12.52
CA SER D 163 33.76 -26.09 -11.31
C SER D 163 34.47 -26.70 -10.10
N LYS D 164 34.56 -28.03 -10.03
CA LYS D 164 35.32 -28.74 -8.96
C LYS D 164 36.79 -28.32 -9.02
N GLN D 165 37.41 -28.38 -10.19
CA GLN D 165 38.87 -28.10 -10.30
C GLN D 165 39.17 -26.65 -9.90
N PHE D 166 38.39 -25.65 -10.33
CA PHE D 166 38.81 -24.22 -10.36
C PHE D 166 38.14 -23.34 -9.31
N PHE D 167 36.98 -23.70 -8.79
CA PHE D 167 36.25 -22.94 -7.75
C PHE D 167 36.30 -23.69 -6.43
N PRO D 168 36.63 -23.03 -5.29
CA PRO D 168 36.79 -23.72 -3.99
C PRO D 168 35.56 -24.46 -3.48
N ASP D 169 34.46 -23.77 -3.21
CA ASP D 169 33.34 -24.36 -2.45
C ASP D 169 32.81 -25.66 -3.05
N VAL D 170 32.80 -25.79 -4.38
CA VAL D 170 32.09 -26.90 -5.07
C VAL D 170 32.16 -28.17 -4.24
N GLY D 173 30.48 -29.10 -1.50
CA GLY D 173 29.06 -28.89 -1.88
C GLY D 173 28.48 -30.14 -2.52
N TYR D 174 29.18 -30.66 -3.55
CA TYR D 174 28.84 -31.92 -4.26
C TYR D 174 28.99 -33.10 -3.32
N GLU D 175 29.69 -32.89 -2.21
CA GLU D 175 30.13 -33.91 -1.24
C GLU D 175 28.98 -34.23 -0.28
N ASP D 176 28.10 -33.25 0.03
CA ASP D 176 26.98 -33.41 0.99
C ASP D 176 26.27 -34.71 0.66
N PRO D 177 26.01 -35.61 1.64
CA PRO D 177 25.61 -36.97 1.31
C PRO D 177 24.16 -37.02 0.82
N ARG D 178 23.45 -35.88 0.94
CA ARG D 178 22.06 -35.74 0.43
C ARG D 178 22.06 -35.59 -1.10
N VAL D 179 23.23 -35.27 -1.70
CA VAL D 179 23.39 -34.96 -3.15
C VAL D 179 23.40 -36.24 -3.99
N ASN D 180 22.46 -36.32 -4.91
CA ASN D 180 22.43 -37.38 -5.94
C ASN D 180 22.67 -36.64 -7.26
N LEU D 181 23.91 -36.63 -7.76
CA LEU D 181 24.27 -35.94 -9.03
C LEU D 181 24.10 -36.94 -10.17
N VAL D 182 23.25 -36.62 -11.14
CA VAL D 182 23.03 -37.45 -12.35
C VAL D 182 23.55 -36.60 -13.50
N ILE D 183 24.45 -37.18 -14.29
CA ILE D 183 24.93 -36.50 -15.52
C ILE D 183 23.99 -37.01 -16.61
N GLY D 184 23.12 -36.13 -17.08
CA GLY D 184 22.05 -36.52 -18.01
C GLY D 184 21.12 -35.36 -18.34
N ASP D 185 20.23 -35.61 -19.29
CA ASP D 185 19.24 -34.65 -19.81
C ASP D 185 18.18 -34.36 -18.72
N GLY D 186 18.17 -33.14 -18.18
CA GLY D 186 17.12 -32.70 -17.24
C GLY D 186 15.71 -32.80 -17.80
N VAL D 187 15.50 -32.65 -19.10
CA VAL D 187 14.12 -32.79 -19.67
C VAL D 187 13.64 -34.26 -19.47
N ALA D 188 14.42 -35.23 -19.95
CA ALA D 188 14.12 -36.67 -19.78
C ALA D 188 14.04 -36.98 -18.28
N PHE D 189 14.89 -36.41 -17.44
CA PHE D 189 14.89 -36.79 -16.01
C PHE D 189 13.52 -36.42 -15.40
N LEU D 190 13.00 -35.25 -15.77
CA LEU D 190 11.66 -34.83 -15.31
C LEU D 190 10.58 -35.74 -15.89
N LYS D 191 10.62 -36.06 -17.18
CA LYS D 191 9.58 -36.97 -17.76
C LYS D 191 9.50 -38.26 -16.95
N ASN D 192 10.66 -38.71 -16.46
CA ASN D 192 10.85 -40.06 -15.87
C ASN D 192 10.61 -39.98 -14.37
N ALA D 193 10.43 -38.79 -13.80
CA ALA D 193 10.31 -38.68 -12.32
C ALA D 193 9.00 -39.34 -11.86
N ALA D 194 9.02 -39.85 -10.65
CA ALA D 194 7.84 -40.38 -9.93
C ALA D 194 6.81 -39.24 -9.78
N GLU D 195 5.52 -39.47 -10.11
CA GLU D 195 4.49 -38.40 -10.04
C GLU D 195 4.40 -37.91 -8.59
N GLY D 196 4.32 -36.60 -8.37
CA GLY D 196 4.07 -36.04 -7.02
C GLY D 196 5.24 -36.24 -6.05
N SER D 197 6.45 -36.45 -6.51
CA SER D 197 7.59 -36.90 -5.64
C SER D 197 8.46 -35.74 -5.13
N TYR D 198 8.42 -34.58 -5.76
CA TYR D 198 9.29 -33.43 -5.38
C TYR D 198 8.48 -32.36 -4.64
N ASP D 199 9.09 -31.81 -3.61
CA ASP D 199 8.61 -30.58 -2.93
C ASP D 199 8.99 -29.35 -3.76
N ALA D 200 10.15 -29.34 -4.43
CA ALA D 200 10.64 -28.17 -5.17
C ALA D 200 11.53 -28.62 -6.36
N VAL D 201 11.44 -27.85 -7.45
CA VAL D 201 12.31 -27.94 -8.66
C VAL D 201 12.87 -26.52 -8.84
N ILE D 202 14.21 -26.42 -8.86
CA ILE D 202 14.99 -25.21 -9.19
C ILE D 202 15.61 -25.42 -10.56
N VAL D 203 15.27 -24.54 -11.51
CA VAL D 203 15.83 -24.67 -12.87
C VAL D 203 16.91 -23.61 -13.01
N ASP D 204 18.18 -23.96 -12.78
CA ASP D 204 19.34 -23.08 -12.86
C ASP D 204 19.98 -23.24 -14.24
N SER D 205 19.29 -22.68 -15.24
CA SER D 205 19.63 -22.94 -16.66
C SER D 205 20.41 -21.77 -17.23
N SER D 206 21.16 -22.05 -18.28
CA SER D 206 21.66 -21.00 -19.18
C SER D 206 20.48 -20.42 -19.97
N ASP D 207 20.75 -19.57 -20.94
CA ASP D 207 19.77 -18.82 -21.77
C ASP D 207 19.07 -19.73 -22.77
N PRO D 208 17.89 -19.30 -23.27
CA PRO D 208 17.04 -20.12 -24.12
C PRO D 208 17.57 -20.24 -25.55
N ILE D 209 18.78 -20.77 -25.68
CA ILE D 209 19.53 -20.93 -26.95
C ILE D 209 19.88 -22.42 -27.11
N GLY D 210 19.56 -23.01 -28.26
CA GLY D 210 19.79 -24.44 -28.55
C GLY D 210 18.88 -25.29 -27.68
N PRO D 211 19.34 -26.48 -27.21
CA PRO D 211 18.53 -27.38 -26.38
C PRO D 211 18.08 -26.83 -25.01
N ALA D 212 18.79 -25.87 -24.38
CA ALA D 212 18.36 -25.35 -23.05
C ALA D 212 17.04 -24.65 -23.30
N LYS D 213 16.78 -24.33 -24.57
CA LYS D 213 15.53 -23.71 -25.07
C LYS D 213 14.29 -24.45 -24.52
N GLU D 214 14.36 -25.79 -24.54
CA GLU D 214 13.27 -26.70 -24.12
C GLU D 214 12.84 -26.38 -22.69
N LEU D 215 13.82 -26.11 -21.82
CA LEU D 215 13.60 -25.80 -20.38
C LEU D 215 12.64 -24.63 -20.19
N PHE D 216 12.30 -23.88 -21.23
CA PHE D 216 11.48 -22.65 -21.12
C PHE D 216 10.11 -22.90 -21.75
N GLU D 217 9.79 -24.14 -22.18
CA GLU D 217 8.58 -24.38 -23.01
C GLU D 217 7.55 -25.18 -22.24
N LYS D 218 6.31 -25.11 -22.70
CA LYS D 218 5.16 -25.69 -22.00
C LYS D 218 5.34 -27.17 -21.66
N PRO D 219 5.76 -28.09 -22.58
CA PRO D 219 5.88 -29.52 -22.23
C PRO D 219 6.77 -29.76 -21.01
N PHE D 220 7.87 -29.03 -20.91
CA PHE D 220 8.79 -29.16 -19.76
C PHE D 220 8.03 -28.68 -18.50
N PHE D 221 7.35 -27.56 -18.60
CA PHE D 221 6.57 -27.03 -17.44
C PHE D 221 5.52 -28.05 -17.00
N GLN D 222 4.83 -28.66 -17.95
CA GLN D 222 3.83 -29.70 -17.57
CA GLN D 222 3.87 -29.78 -17.73
C GLN D 222 4.54 -30.88 -16.90
N SER D 223 5.74 -31.26 -17.36
N SER D 223 5.76 -31.29 -17.29
CA SER D 223 6.56 -32.31 -16.71
CA SER D 223 6.49 -32.42 -16.62
C SER D 223 6.79 -31.93 -15.24
C SER D 223 6.95 -31.98 -15.22
N VAL D 224 7.18 -30.69 -15.01
CA VAL D 224 7.54 -30.19 -13.65
C VAL D 224 6.28 -30.25 -12.78
N ALA D 225 5.13 -29.81 -13.29
CA ALA D 225 3.85 -29.88 -12.51
C ALA D 225 3.54 -31.32 -12.11
N ARG D 226 3.76 -32.25 -13.04
CA ARG D 226 3.55 -33.70 -12.80
C ARG D 226 4.48 -34.17 -11.65
N ALA D 227 5.78 -33.89 -11.72
CA ALA D 227 6.82 -34.29 -10.75
C ALA D 227 6.58 -33.68 -9.37
N LEU D 228 5.94 -32.51 -9.28
CA LEU D 228 5.74 -31.84 -7.96
C LEU D 228 4.57 -32.52 -7.24
N ARG D 229 4.68 -32.60 -5.92
CA ARG D 229 3.49 -32.82 -5.07
C ARG D 229 2.47 -31.70 -5.27
N PRO D 230 1.21 -31.90 -4.83
CA PRO D 230 0.26 -30.80 -4.72
C PRO D 230 0.82 -29.73 -3.76
N GLY D 231 0.82 -28.49 -4.23
CA GLY D 231 1.40 -27.36 -3.47
C GLY D 231 2.90 -27.30 -3.58
N GLY D 232 3.51 -28.17 -4.37
CA GLY D 232 4.96 -28.10 -4.63
C GLY D 232 5.32 -26.88 -5.48
N VAL D 233 6.60 -26.47 -5.53
CA VAL D 233 6.93 -25.18 -6.19
C VAL D 233 8.06 -25.38 -7.20
N VAL D 234 8.11 -24.50 -8.19
CA VAL D 234 9.25 -24.45 -9.14
C VAL D 234 9.76 -23.03 -9.11
N CYS D 235 11.09 -22.89 -9.29
CA CYS D 235 11.78 -21.58 -9.42
C CYS D 235 12.65 -21.76 -10.64
N THR D 236 12.50 -20.89 -11.63
CA THR D 236 13.28 -20.99 -12.87
C THR D 236 13.93 -19.65 -13.14
N GLN D 237 15.12 -19.71 -13.71
CA GLN D 237 15.80 -18.51 -14.22
C GLN D 237 14.95 -17.97 -15.39
N ALA D 238 14.49 -16.72 -15.29
CA ALA D 238 13.48 -16.17 -16.22
C ALA D 238 13.94 -14.79 -16.70
N GLU D 239 15.24 -14.61 -16.89
CA GLU D 239 15.84 -13.63 -17.79
C GLU D 239 15.62 -12.18 -17.31
N SER D 240 15.73 -11.17 -18.18
CA SER D 240 15.75 -9.75 -17.77
C SER D 240 14.47 -9.05 -18.25
N LEU D 241 13.79 -8.37 -17.34
CA LEU D 241 12.59 -7.58 -17.70
C LEU D 241 12.99 -6.40 -18.59
N TRP D 242 14.24 -5.97 -18.58
CA TRP D 242 14.76 -4.87 -19.41
C TRP D 242 14.95 -5.38 -20.84
N LEU D 243 15.34 -6.62 -21.03
CA LEU D 243 15.81 -7.06 -22.37
C LEU D 243 14.82 -8.02 -23.04
N HIS D 244 14.02 -8.73 -22.25
CA HIS D 244 13.43 -10.03 -22.65
C HIS D 244 11.92 -10.10 -22.36
N MET D 245 11.22 -9.00 -22.44
CA MET D 245 9.80 -8.88 -22.02
C MET D 245 8.93 -9.81 -22.88
N ASP D 246 9.20 -9.92 -24.16
CA ASP D 246 8.44 -10.82 -25.06
C ASP D 246 8.57 -12.25 -24.58
N ILE D 247 9.81 -12.72 -24.38
CA ILE D 247 10.18 -14.05 -23.83
C ILE D 247 9.50 -14.29 -22.47
N ILE D 248 9.64 -13.35 -21.54
CA ILE D 248 9.06 -13.44 -20.16
C ILE D 248 7.53 -13.47 -20.20
N GLU D 249 6.90 -12.63 -21.00
CA GLU D 249 5.43 -12.68 -21.21
C GLU D 249 4.98 -14.12 -21.59
N ASP D 250 5.69 -14.78 -22.50
CA ASP D 250 5.37 -16.15 -22.96
C ASP D 250 5.60 -17.22 -21.87
N ILE D 251 6.69 -17.13 -21.11
CA ILE D 251 6.96 -18.01 -19.95
C ILE D 251 5.82 -17.86 -18.95
N VAL D 252 5.48 -16.62 -18.58
CA VAL D 252 4.43 -16.37 -17.56
C VAL D 252 3.11 -16.98 -18.09
N SER D 253 2.79 -16.75 -19.35
CA SER D 253 1.52 -17.20 -19.97
C SER D 253 1.44 -18.73 -19.89
N ASN D 254 2.53 -19.46 -20.25
CA ASN D 254 2.63 -20.93 -20.17
C ASN D 254 2.51 -21.41 -18.73
N CYS D 255 3.09 -20.67 -17.78
CA CYS D 255 3.06 -21.06 -16.37
C CYS D 255 1.65 -20.85 -15.82
N ARG D 256 0.98 -19.77 -16.20
CA ARG D 256 -0.43 -19.55 -15.73
C ARG D 256 -1.37 -20.65 -16.29
N GLU D 257 -1.09 -21.22 -17.47
CA GLU D 257 -1.92 -22.34 -18.00
C GLU D 257 -1.64 -23.60 -17.15
N ILE D 258 -0.39 -23.86 -16.78
CA ILE D 258 0.03 -25.18 -16.23
C ILE D 258 -0.09 -25.19 -14.69
N PHE D 259 0.32 -24.13 -14.00
CA PHE D 259 0.41 -24.10 -12.52
C PHE D 259 -0.79 -23.32 -11.99
N LYS D 260 -1.64 -24.03 -11.22
CA LYS D 260 -2.96 -23.56 -10.79
C LYS D 260 -2.92 -23.10 -9.33
N GLY D 261 -1.78 -23.21 -8.66
CA GLY D 261 -1.63 -22.55 -7.36
C GLY D 261 -1.32 -21.09 -7.58
N SER D 262 -0.08 -20.71 -7.31
CA SER D 262 0.42 -19.33 -7.41
C SER D 262 1.38 -19.22 -8.61
N VAL D 263 1.39 -18.09 -9.28
CA VAL D 263 2.37 -17.83 -10.36
C VAL D 263 2.84 -16.39 -10.19
N ASN D 264 4.10 -16.23 -9.83
CA ASN D 264 4.66 -14.90 -9.55
C ASN D 264 6.02 -14.74 -10.21
N TYR D 265 6.39 -13.53 -10.56
CA TYR D 265 7.72 -13.21 -11.13
C TYR D 265 8.49 -12.38 -10.10
N ALA D 266 9.73 -12.77 -9.81
CA ALA D 266 10.61 -12.03 -8.89
C ALA D 266 11.88 -11.59 -9.66
N TRP D 267 12.54 -10.55 -9.18
CA TRP D 267 13.82 -10.14 -9.81
C TRP D 267 14.86 -9.77 -8.76
N THR D 268 16.12 -9.77 -9.18
CA THR D 268 17.20 -9.32 -8.28
C THR D 268 18.34 -8.74 -9.07
N SER D 269 19.27 -8.11 -8.39
CA SER D 269 20.47 -7.44 -8.97
C SER D 269 21.57 -8.50 -9.09
N VAL D 270 22.07 -8.70 -10.32
CA VAL D 270 23.28 -9.52 -10.57
C VAL D 270 24.10 -8.70 -11.53
N PRO D 271 25.10 -7.93 -11.04
CA PRO D 271 25.86 -7.02 -11.90
C PRO D 271 26.42 -7.61 -13.20
N THR D 272 26.89 -8.86 -13.16
CA THR D 272 27.50 -9.55 -14.32
C THR D 272 26.51 -10.42 -15.11
N TYR D 273 25.20 -10.25 -14.96
CA TYR D 273 24.21 -10.70 -15.96
C TYR D 273 23.73 -9.47 -16.76
N PRO D 274 23.47 -9.69 -18.07
CA PRO D 274 23.14 -8.60 -18.99
C PRO D 274 22.01 -7.74 -18.41
N SER D 275 22.15 -6.41 -18.44
CA SER D 275 21.22 -5.39 -17.87
C SER D 275 21.36 -5.27 -16.35
N GLY D 276 22.13 -6.13 -15.70
CA GLY D 276 22.38 -6.09 -14.27
C GLY D 276 21.28 -6.68 -13.40
N VAL D 277 20.19 -7.20 -13.99
CA VAL D 277 19.13 -7.91 -13.26
C VAL D 277 18.88 -9.24 -13.93
N ILE D 278 18.33 -10.18 -13.16
CA ILE D 278 17.76 -11.43 -13.71
C ILE D 278 16.51 -11.72 -12.87
N GLY D 279 15.54 -12.41 -13.46
CA GLY D 279 14.29 -12.72 -12.80
C GLY D 279 14.11 -14.21 -12.67
N PHE D 280 13.04 -14.53 -12.00
CA PHE D 280 12.69 -15.88 -11.61
C PHE D 280 11.18 -16.04 -11.78
N MET D 281 10.80 -17.20 -12.28
CA MET D 281 9.37 -17.58 -12.23
C MET D 281 9.24 -18.41 -10.97
N LEU D 282 8.28 -18.09 -10.10
CA LEU D 282 7.97 -18.92 -8.90
C LEU D 282 6.54 -19.40 -9.15
N CYS D 283 6.34 -20.71 -9.14
CA CYS D 283 5.01 -21.30 -9.40
C CYS D 283 4.71 -22.43 -8.42
N SER D 284 3.43 -22.56 -8.03
CA SER D 284 3.01 -23.71 -7.21
C SER D 284 1.90 -24.46 -7.94
N THR D 285 1.84 -25.77 -7.75
CA THR D 285 0.72 -26.58 -8.27
C THR D 285 -0.45 -26.35 -7.31
N GLU D 286 -1.64 -26.72 -7.76
CA GLU D 286 -2.89 -26.66 -6.97
CA GLU D 286 -2.87 -26.59 -6.94
C GLU D 286 -2.71 -27.59 -5.78
N GLY D 287 -3.28 -27.25 -4.63
CA GLY D 287 -2.92 -27.95 -3.39
C GLY D 287 -2.86 -26.95 -2.26
N PRO D 288 -2.06 -27.20 -1.19
CA PRO D 288 -1.84 -26.21 -0.16
C PRO D 288 -1.41 -24.91 -0.83
N ASP D 289 -2.10 -23.85 -0.43
CA ASP D 289 -1.76 -22.47 -0.81
C ASP D 289 -0.28 -22.15 -0.49
N VAL D 290 0.35 -21.42 -1.43
CA VAL D 290 1.72 -20.89 -1.25
C VAL D 290 1.72 -19.38 -1.50
N ASP D 291 2.15 -18.64 -0.52
CA ASP D 291 2.40 -17.18 -0.60
C ASP D 291 3.91 -16.95 -0.77
N PHE D 292 4.32 -16.77 -2.02
CA PHE D 292 5.74 -16.53 -2.33
C PHE D 292 6.20 -15.17 -1.83
N LYS D 293 5.30 -14.22 -1.66
CA LYS D 293 5.71 -12.80 -1.33
C LYS D 293 6.05 -12.69 0.18
N HIS D 294 5.53 -13.58 1.01
CA HIS D 294 5.78 -13.58 2.47
C HIS D 294 6.18 -14.98 2.93
N PRO D 295 7.49 -15.26 2.96
CA PRO D 295 7.95 -16.63 3.15
C PRO D 295 7.49 -17.14 4.53
N LEU D 296 6.86 -18.32 4.59
CA LEU D 296 6.53 -18.93 5.90
C LEU D 296 7.62 -19.83 6.47
N ASN D 297 8.79 -19.98 5.81
CA ASN D 297 9.85 -20.93 6.20
C ASN D 297 11.17 -20.19 6.12
N PRO D 298 11.30 -19.08 6.86
CA PRO D 298 12.44 -18.19 6.72
C PRO D 298 13.73 -18.93 7.10
N ILE D 299 14.79 -18.67 6.34
CA ILE D 299 16.13 -19.28 6.57
C ILE D 299 16.87 -18.38 7.57
N GLY D 308 29.37 -20.05 4.47
CA GLY D 308 29.44 -18.82 5.27
C GLY D 308 28.05 -18.20 5.35
N PRO D 309 27.80 -17.13 6.15
CA PRO D 309 26.49 -16.51 6.22
C PRO D 309 26.03 -16.02 4.85
N LEU D 310 24.73 -15.79 4.76
CA LEU D 310 24.10 -15.24 3.56
C LEU D 310 24.69 -13.85 3.32
N LYS D 311 25.07 -13.59 2.08
CA LYS D 311 25.63 -12.27 1.74
C LYS D 311 24.54 -11.37 1.19
N PHE D 312 23.44 -11.92 0.68
CA PHE D 312 22.51 -11.13 -0.15
C PHE D 312 21.09 -11.25 0.39
N TYR D 313 20.55 -12.46 0.41
CA TYR D 313 19.16 -12.74 0.80
C TYR D 313 18.87 -12.38 2.27
N ASN D 314 17.64 -11.94 2.50
CA ASN D 314 17.07 -11.72 3.84
C ASN D 314 15.57 -11.62 3.59
N ALA D 315 14.76 -11.66 4.66
CA ALA D 315 13.29 -11.74 4.58
C ALA D 315 12.72 -10.53 3.85
N GLU D 316 13.29 -9.35 4.03
CA GLU D 316 12.74 -8.10 3.47
C GLU D 316 12.96 -8.08 1.97
N ILE D 317 14.15 -8.47 1.54
CA ILE D 317 14.44 -8.45 0.09
C ILE D 317 13.72 -9.61 -0.59
N HIS D 318 13.41 -10.69 0.14
CA HIS D 318 12.50 -11.71 -0.42
C HIS D 318 11.22 -11.04 -0.94
N SER D 319 10.53 -10.29 -0.10
CA SER D 319 9.25 -9.61 -0.48
C SER D 319 9.48 -8.54 -1.56
N ALA D 320 10.52 -7.76 -1.42
CA ALA D 320 10.88 -6.67 -2.35
C ALA D 320 11.06 -7.24 -3.77
N ALA D 321 11.58 -8.46 -3.90
CA ALA D 321 12.00 -9.06 -5.18
C ALA D 321 10.77 -9.19 -6.08
N PHE D 322 9.56 -9.19 -5.51
CA PHE D 322 8.34 -9.33 -6.28
C PHE D 322 7.72 -7.99 -6.67
N CYS D 323 8.33 -6.86 -6.31
CA CYS D 323 7.80 -5.52 -6.61
C CYS D 323 8.40 -5.01 -7.91
N LEU D 324 7.72 -5.27 -8.98
CA LEU D 324 8.28 -4.96 -10.30
C LEU D 324 8.00 -3.51 -10.72
N PRO D 325 8.83 -3.00 -11.64
CA PRO D 325 8.63 -1.69 -12.26
C PRO D 325 7.33 -1.68 -13.07
N SER D 326 6.73 -0.50 -13.17
CA SER D 326 5.35 -0.39 -13.72
C SER D 326 5.30 -1.01 -15.13
N PHE D 327 6.29 -0.81 -15.98
CA PHE D 327 6.21 -1.29 -17.39
C PHE D 327 6.14 -2.83 -17.40
N ALA D 328 6.75 -3.51 -16.44
CA ALA D 328 6.83 -4.99 -16.35
C ALA D 328 5.55 -5.52 -15.71
N LYS D 329 5.12 -4.85 -14.64
CA LYS D 329 4.00 -5.31 -13.80
C LYS D 329 2.77 -5.35 -14.71
N LYS D 330 2.69 -4.38 -15.59
CA LYS D 330 1.57 -4.26 -16.56
C LYS D 330 1.52 -5.54 -17.38
N VAL D 331 2.64 -5.93 -17.95
CA VAL D 331 2.75 -7.13 -18.82
C VAL D 331 2.55 -8.36 -17.93
N ILE D 332 3.26 -8.51 -16.82
CA ILE D 332 3.33 -9.79 -16.06
C ILE D 332 1.96 -10.15 -15.47
N GLU D 333 1.30 -9.18 -14.84
CA GLU D 333 0.08 -9.50 -14.04
C GLU D 333 -1.17 -9.38 -14.92
N SER D 334 -1.02 -8.90 -16.18
CA SER D 334 -2.13 -8.76 -17.16
C SER D 334 -2.90 -10.08 -17.30
C1 PEG E . -17.51 -7.47 20.80
O1 PEG E . -17.55 -8.94 20.68
C2 PEG E . -18.77 -6.90 21.40
O2 PEG E . -18.65 -5.48 21.66
C3 PEG E . -19.84 -4.92 22.24
C4 PEG E . -19.82 -3.39 22.16
O4 PEG E . -20.98 -2.74 22.80
C1 GOL F . -23.02 -6.63 2.24
O1 GOL F . -22.62 -6.45 0.88
C2 GOL F . -21.98 -7.37 3.05
O2 GOL F . -22.28 -7.17 4.43
C3 GOL F . -22.00 -8.86 2.81
O3 GOL F . -20.67 -9.41 2.71
C1 PEG G . -28.52 14.69 4.39
O1 PEG G . -28.60 16.07 4.89
C2 PEG G . -29.38 13.70 5.14
O2 PEG G . -29.24 12.35 4.64
C3 PEG G . -30.25 11.44 5.16
C4 PEG G . -29.75 10.00 5.13
O4 PEG G . -30.72 8.96 5.52
C1 GOL H . -34.26 18.92 -3.14
O1 GOL H . -35.02 18.44 -2.03
C2 GOL H . -34.37 20.42 -3.30
O2 GOL H . -33.84 21.12 -2.16
C3 GOL H . -33.70 20.91 -4.56
O3 GOL H . -34.67 21.08 -5.60
S SO4 I . -8.25 28.94 1.83
O1 SO4 I . -9.00 29.32 3.01
O2 SO4 I . -7.87 27.54 1.96
O3 SO4 I . -9.02 29.12 0.62
O4 SO4 I . -7.06 29.76 1.73
C1 PEG J . 23.51 10.75 -12.76
O1 PEG J . 22.75 11.55 -13.70
C2 PEG J . 24.69 10.05 -13.39
O2 PEG J . 25.32 9.12 -12.48
C3 PEG J . 26.46 8.46 -13.06
C4 PEG J . 26.89 7.26 -12.23
O4 PEG J . 28.16 6.61 -12.65
C1 GOL K . 2.44 4.95 -8.84
O1 GOL K . 2.66 5.75 -7.68
C2 GOL K . 1.34 3.95 -8.57
O2 GOL K . 1.31 3.05 -9.66
C3 GOL K . 1.55 3.26 -7.24
O3 GOL K . 0.94 1.99 -7.16
C1 PEG L . 22.34 -18.92 -14.92
O1 PEG L . 23.03 -20.04 -14.37
C2 PEG L . 23.01 -18.30 -16.11
O2 PEG L . 22.20 -17.24 -16.67
C3 PEG L . 22.86 -16.47 -17.70
C4 PEG L . 21.99 -15.31 -18.15
O4 PEG L . 22.48 -14.60 -19.31
C1 GOL M . 9.90 1.71 -21.09
O1 GOL M . 8.47 1.71 -21.06
C2 GOL M . 10.50 0.36 -20.75
O2 GOL M . 11.93 0.43 -20.85
C3 GOL M . 9.97 -0.76 -21.62
O3 GOL M . 11.01 -1.63 -22.04
S SO4 N . 15.73 -25.54 7.74
O1 SO4 N . 15.52 -26.69 6.90
O2 SO4 N . 15.17 -25.81 9.04
O3 SO4 N . 15.05 -24.40 7.17
O4 SO4 N . 17.14 -25.24 7.88
#